data_1U7T
#
_entry.id   1U7T
#
_cell.length_a   122.0
_cell.length_b   80.8
_cell.length_c   110.0
_cell.angle_alpha   90.0
_cell.angle_beta   105.6
_cell.angle_gamma   90.0
#
_symmetry.space_group_name_H-M   'C 1 2 1'
#
loop_
_entity.id
_entity.type
_entity.pdbx_description
1 polymer '3-hydroxyacyl-CoA dehydrogenase type II'
2 non-polymer '1-AZEPAN-1-YL-2-PHENYL-2-(4-THIOXO-1,4-DIHYDRO-PYRAZOLO[3,4-D]PYRIMIDIN-5-YL)ETHANONE ADDUCT'
3 non-polymer NICOTINAMIDE-ADENINE-DINUCLEOTIDE
4 water water
#
_entity_poly.entity_id   1
_entity_poly.type   'polypeptide(L)'
_entity_poly.pdbx_seq_one_letter_code
;MAAACRSVKGLVAVITGGASGLGLATAERLVGQGASAVLLDLPNSGGEAQAKKLGNNCVFAPADVTSEKDVQTALALAKG
KFGRVDVAVNCAGIAVASKTYNLKKGQTHTLEDFQRVLDVNLMGTFNVIRLVAGEMGQNEPDQGGQRGVIINTASVAAFE
GQVGQAAYSASKGGIVGMTLPIARDLAPIGIRVMTIAPGLFGTPLLTSLPEKVRNFLASQVPFPSRLGDPAEYAHLVQAI
IENPFLNGEVIRLDGAIRMQP
;
_entity_poly.pdbx_strand_id   A,B,C,D
#
# COMPACT_ATOMS: atom_id res chain seq x y z
N SER A 7 -19.26 -6.68 -24.40
CA SER A 7 -18.44 -7.56 -25.21
C SER A 7 -17.19 -6.86 -25.71
N VAL A 8 -16.15 -7.66 -25.93
CA VAL A 8 -14.96 -7.17 -26.61
C VAL A 8 -15.15 -7.28 -28.12
N LYS A 9 -16.28 -7.87 -28.52
CA LYS A 9 -16.59 -8.08 -29.93
C LYS A 9 -16.38 -6.81 -30.75
N GLY A 10 -15.53 -6.94 -31.78
CA GLY A 10 -15.24 -5.83 -32.66
C GLY A 10 -14.12 -4.92 -32.19
N LEU A 11 -13.68 -5.06 -30.94
CA LEU A 11 -12.61 -4.17 -30.45
C LEU A 11 -11.27 -4.50 -31.09
N VAL A 12 -10.43 -3.48 -31.24
CA VAL A 12 -9.09 -3.64 -31.77
C VAL A 12 -8.03 -3.47 -30.69
N ALA A 13 -7.27 -4.53 -30.38
CA ALA A 13 -6.26 -4.43 -29.34
C ALA A 13 -4.84 -4.61 -29.86
N VAL A 14 -3.98 -3.66 -29.50
CA VAL A 14 -2.55 -3.83 -29.77
C VAL A 14 -1.91 -4.42 -28.52
N ILE A 15 -1.34 -5.61 -28.66
CA ILE A 15 -0.77 -6.34 -27.53
C ILE A 15 0.74 -6.46 -27.68
N THR A 16 1.50 -5.72 -26.89
CA THR A 16 2.95 -5.83 -26.96
C THR A 16 3.41 -7.08 -26.22
N GLY A 17 4.50 -7.68 -26.68
CA GLY A 17 4.90 -8.98 -26.11
C GLY A 17 3.92 -10.06 -26.53
N GLY A 18 3.11 -9.76 -27.56
CA GLY A 18 2.06 -10.66 -27.99
C GLY A 18 2.51 -11.96 -28.63
N ALA A 19 3.79 -12.19 -28.89
CA ALA A 19 4.18 -13.44 -29.54
C ALA A 19 4.32 -14.58 -28.53
N SER A 20 4.30 -14.25 -27.25
CA SER A 20 4.59 -15.28 -26.24
C SER A 20 3.78 -15.07 -24.97
N GLY A 21 3.75 -16.11 -24.15
CA GLY A 21 3.24 -16.12 -22.80
C GLY A 21 1.97 -15.36 -22.55
N LEU A 22 2.01 -14.36 -21.66
CA LEU A 22 0.77 -13.69 -21.26
C LEU A 22 0.18 -12.89 -22.42
N GLY A 23 1.03 -12.22 -23.19
CA GLY A 23 0.55 -11.43 -24.32
C GLY A 23 -0.12 -12.32 -25.35
N LEU A 24 0.51 -13.46 -25.65
CA LEU A 24 -0.07 -14.40 -26.60
C LEU A 24 -1.43 -14.92 -26.15
N ALA A 25 -1.55 -15.28 -24.88
CA ALA A 25 -2.80 -15.82 -24.37
C ALA A 25 -3.90 -14.77 -24.37
N THR A 26 -3.50 -13.52 -24.12
CA THR A 26 -4.47 -12.42 -24.21
C THR A 26 -5.00 -12.30 -25.63
N ALA A 27 -4.09 -12.38 -26.59
CA ALA A 27 -4.47 -12.38 -28.00
C ALA A 27 -5.37 -13.58 -28.32
N GLU A 28 -4.99 -14.77 -27.86
CA GLU A 28 -5.86 -15.92 -28.12
C GLU A 28 -7.25 -15.71 -27.59
N ARG A 29 -7.38 -15.33 -26.31
CA ARG A 29 -8.71 -15.13 -25.75
C ARG A 29 -9.52 -14.07 -26.48
N LEU A 30 -8.90 -12.91 -26.72
CA LEU A 30 -9.66 -11.82 -27.32
C LEU A 30 -10.08 -12.17 -28.74
N VAL A 31 -9.13 -12.67 -29.55
CA VAL A 31 -9.52 -13.06 -30.91
C VAL A 31 -10.61 -14.12 -30.82
N GLY A 32 -10.47 -15.01 -29.85
CA GLY A 32 -11.50 -16.01 -29.59
C GLY A 32 -12.82 -15.39 -29.17
N GLN A 33 -12.77 -14.20 -28.58
CA GLN A 33 -14.01 -13.55 -28.15
C GLN A 33 -14.52 -12.52 -29.14
N GLY A 34 -14.09 -12.62 -30.39
CA GLY A 34 -14.55 -11.74 -31.45
C GLY A 34 -13.77 -10.46 -31.66
N ALA A 35 -12.68 -10.25 -30.93
CA ALA A 35 -11.90 -9.02 -31.13
C ALA A 35 -10.82 -9.21 -32.17
N SER A 36 -10.20 -8.11 -32.61
CA SER A 36 -9.03 -8.26 -33.50
C SER A 36 -7.76 -7.96 -32.72
N ALA A 37 -6.68 -8.67 -33.03
CA ALA A 37 -5.46 -8.40 -32.25
C ALA A 37 -4.27 -8.14 -33.16
N VAL A 38 -3.43 -7.21 -32.71
CA VAL A 38 -2.16 -6.90 -33.32
C VAL A 38 -1.04 -7.39 -32.40
N LEU A 39 -0.27 -8.39 -32.80
CA LEU A 39 0.80 -8.84 -31.90
C LEU A 39 2.03 -7.97 -32.09
N LEU A 40 2.28 -7.05 -31.16
CA LEU A 40 3.46 -6.21 -31.28
C LEU A 40 4.62 -6.86 -30.52
N ASP A 41 5.65 -7.28 -31.26
CA ASP A 41 6.76 -8.00 -30.64
C ASP A 41 7.98 -7.91 -31.55
N LEU A 42 9.15 -8.31 -31.07
CA LEU A 42 10.39 -8.17 -31.82
C LEU A 42 10.41 -8.98 -33.10
N PRO A 43 11.22 -8.58 -34.07
CA PRO A 43 11.34 -9.34 -35.32
C PRO A 43 11.81 -10.78 -35.08
N ASN A 44 12.73 -10.97 -34.13
CA ASN A 44 13.24 -12.33 -33.93
C ASN A 44 12.24 -13.19 -33.17
N SER A 45 11.16 -12.57 -32.66
CA SER A 45 10.17 -13.43 -32.00
C SER A 45 9.38 -14.19 -33.06
N GLY A 46 8.56 -15.13 -32.63
CA GLY A 46 7.75 -15.89 -33.57
C GLY A 46 6.37 -15.29 -33.76
N GLY A 47 6.26 -13.96 -33.70
CA GLY A 47 4.95 -13.34 -33.89
C GLY A 47 4.30 -13.72 -35.20
N GLU A 48 5.08 -13.72 -36.28
CA GLU A 48 4.50 -13.96 -37.60
C GLU A 48 3.79 -15.31 -37.64
N ALA A 49 4.47 -16.33 -37.12
CA ALA A 49 3.81 -17.63 -37.06
C ALA A 49 2.61 -17.60 -36.13
N GLN A 50 2.71 -16.89 -34.99
CA GLN A 50 1.57 -16.89 -34.07
C GLN A 50 0.39 -16.11 -34.64
N ALA A 51 0.69 -15.05 -35.40
CA ALA A 51 -0.38 -14.29 -36.04
C ALA A 51 -1.10 -15.13 -37.10
N LYS A 52 -0.37 -15.98 -37.82
CA LYS A 52 -1.00 -16.84 -38.81
C LYS A 52 -1.90 -17.88 -38.14
N LYS A 53 -1.41 -18.48 -37.05
CA LYS A 53 -2.19 -19.46 -36.32
C LYS A 53 -3.52 -18.88 -35.82
N LEU A 54 -3.56 -17.59 -35.47
CA LEU A 54 -4.79 -17.10 -34.82
C LEU A 54 -5.86 -16.72 -35.82
N GLY A 55 -5.52 -16.53 -37.09
CA GLY A 55 -6.51 -16.32 -38.12
C GLY A 55 -6.53 -14.93 -38.71
N ASN A 56 -7.61 -14.61 -39.41
CA ASN A 56 -7.77 -13.34 -40.09
C ASN A 56 -7.83 -12.15 -39.16
N ASN A 57 -8.24 -12.37 -37.91
CA ASN A 57 -8.47 -11.23 -37.04
C ASN A 57 -7.25 -10.93 -36.16
N CYS A 58 -6.10 -11.44 -36.57
CA CYS A 58 -4.85 -11.23 -35.83
C CYS A 58 -3.67 -11.01 -36.75
N VAL A 59 -2.90 -9.94 -36.56
CA VAL A 59 -1.73 -9.72 -37.40
C VAL A 59 -0.49 -9.46 -36.55
N PHE A 60 0.68 -9.60 -37.16
CA PHE A 60 1.94 -9.35 -36.48
C PHE A 60 2.54 -8.01 -36.92
N ALA A 61 2.88 -7.17 -35.95
CA ALA A 61 3.58 -5.92 -36.22
C ALA A 61 4.96 -5.96 -35.56
N PRO A 62 6.00 -6.08 -36.36
CA PRO A 62 7.36 -6.17 -35.79
C PRO A 62 7.77 -4.84 -35.17
N ALA A 63 8.23 -4.87 -33.92
CA ALA A 63 8.63 -3.62 -33.29
C ALA A 63 9.27 -3.83 -31.92
N ASP A 64 10.26 -2.99 -31.62
CA ASP A 64 10.92 -2.86 -30.33
C ASP A 64 10.27 -1.71 -29.57
N VAL A 65 9.71 -1.97 -28.38
CA VAL A 65 8.96 -0.95 -27.65
C VAL A 65 9.87 0.15 -27.12
N THR A 66 11.19 -0.01 -27.15
CA THR A 66 12.02 1.10 -26.71
C THR A 66 12.27 2.10 -27.84
N SER A 67 11.73 1.84 -29.02
CA SER A 67 11.97 2.68 -30.19
C SER A 67 10.73 3.47 -30.62
N GLU A 68 10.88 4.80 -30.68
CA GLU A 68 9.77 5.65 -31.12
C GLU A 68 9.27 5.26 -32.51
N LYS A 69 10.18 5.20 -33.47
CA LYS A 69 9.76 4.95 -34.85
C LYS A 69 9.09 3.60 -34.99
N ASP A 70 9.63 2.56 -34.34
CA ASP A 70 9.03 1.23 -34.46
C ASP A 70 7.58 1.21 -33.97
N VAL A 71 7.38 1.83 -32.80
CA VAL A 71 6.02 1.81 -32.26
C VAL A 71 5.11 2.64 -33.17
N GLN A 72 5.64 3.76 -33.64
CA GLN A 72 4.90 4.53 -34.64
C GLN A 72 4.56 3.65 -35.83
N THR A 73 5.54 2.90 -36.34
CA THR A 73 5.28 2.05 -37.50
C THR A 73 4.22 0.99 -37.19
N ALA A 74 4.33 0.38 -36.00
CA ALA A 74 3.35 -0.66 -35.66
C ALA A 74 1.96 -0.09 -35.44
N LEU A 75 1.83 1.16 -34.97
CA LEU A 75 0.47 1.64 -34.72
C LEU A 75 -0.22 1.94 -36.04
N ALA A 76 0.56 2.49 -36.97
CA ALA A 76 0.10 2.78 -38.33
C ALA A 76 -0.29 1.47 -39.02
N LEU A 77 0.48 0.41 -38.77
CA LEU A 77 0.10 -0.90 -39.31
C LEU A 77 -1.27 -1.28 -38.77
N ALA A 78 -1.42 -1.08 -37.46
CA ALA A 78 -2.67 -1.51 -36.81
C ALA A 78 -3.86 -0.72 -37.33
N LYS A 79 -3.70 0.59 -37.51
CA LYS A 79 -4.83 1.38 -38.00
C LYS A 79 -5.18 0.95 -39.42
N GLY A 80 -4.20 0.99 -40.31
CA GLY A 80 -4.42 0.61 -41.69
C GLY A 80 -5.05 -0.77 -41.81
N LYS A 81 -4.68 -1.69 -40.93
CA LYS A 81 -5.24 -3.03 -41.09
C LYS A 81 -6.61 -3.16 -40.45
N PHE A 82 -6.81 -2.56 -39.27
CA PHE A 82 -8.06 -2.85 -38.58
C PHE A 82 -8.92 -1.61 -38.36
N GLY A 83 -8.45 -0.44 -38.77
CA GLY A 83 -9.27 0.76 -38.77
C GLY A 83 -9.07 1.68 -37.58
N ARG A 84 -8.91 1.13 -36.39
CA ARG A 84 -8.67 1.90 -35.19
C ARG A 84 -7.98 1.06 -34.12
N VAL A 85 -7.66 1.67 -32.99
CA VAL A 85 -7.16 1.00 -31.78
C VAL A 85 -8.04 1.35 -30.59
N ASP A 86 -8.58 0.35 -29.93
CA ASP A 86 -9.49 0.52 -28.81
C ASP A 86 -8.84 0.11 -27.48
N VAL A 87 -7.91 -0.84 -27.59
CA VAL A 87 -7.27 -1.38 -26.40
C VAL A 87 -5.77 -1.51 -26.60
N ALA A 88 -5.00 -1.20 -25.56
CA ALA A 88 -3.57 -1.51 -25.60
C ALA A 88 -3.22 -2.26 -24.32
N VAL A 89 -2.44 -3.32 -24.48
CA VAL A 89 -1.98 -4.16 -23.39
C VAL A 89 -0.47 -4.27 -23.46
N ASN A 90 0.23 -3.78 -22.44
CA ASN A 90 1.69 -3.85 -22.45
C ASN A 90 2.19 -5.11 -21.75
N CYS A 91 2.59 -6.12 -22.52
CA CYS A 91 3.15 -7.32 -21.92
C CYS A 91 4.63 -7.49 -22.26
N ALA A 92 5.16 -6.76 -23.24
CA ALA A 92 6.60 -6.83 -23.51
C ALA A 92 7.39 -6.54 -22.23
N GLY A 93 8.33 -7.42 -21.91
CA GLY A 93 9.10 -7.27 -20.68
C GLY A 93 10.24 -8.28 -20.62
N ILE A 94 11.25 -7.96 -19.83
CA ILE A 94 12.37 -8.87 -19.65
C ILE A 94 12.68 -9.04 -18.16
N ALA A 95 13.38 -10.12 -17.85
CA ALA A 95 13.74 -10.44 -16.48
C ALA A 95 15.25 -10.56 -16.34
N VAL A 96 15.77 -10.21 -15.17
CA VAL A 96 17.16 -10.55 -14.85
C VAL A 96 17.22 -10.89 -13.36
N ALA A 97 18.17 -11.73 -13.00
CA ALA A 97 18.37 -12.00 -11.58
C ALA A 97 19.81 -11.59 -11.27
N SER A 98 19.96 -10.57 -10.43
CA SER A 98 21.33 -10.10 -10.16
C SER A 98 21.32 -9.35 -8.85
N LYS A 99 22.18 -9.73 -7.91
CA LYS A 99 22.22 -9.05 -6.63
C LYS A 99 22.84 -7.67 -6.75
N THR A 100 22.37 -6.73 -5.92
CA THR A 100 22.95 -5.38 -5.89
C THR A 100 24.46 -5.45 -5.72
N TYR A 101 24.85 -6.24 -4.72
CA TYR A 101 26.24 -6.52 -4.40
C TYR A 101 26.35 -7.84 -3.64
N ASN A 102 27.36 -8.63 -3.95
CA ASN A 102 27.63 -9.88 -3.27
C ASN A 102 29.06 -9.91 -2.73
N LEU A 103 29.22 -9.75 -1.42
CA LEU A 103 30.54 -9.66 -0.80
C LEU A 103 31.36 -10.92 -1.07
N LYS A 104 30.77 -12.07 -0.79
CA LYS A 104 31.47 -13.34 -0.89
C LYS A 104 31.92 -13.62 -2.31
N LYS A 105 31.08 -13.33 -3.29
CA LYS A 105 31.41 -13.53 -4.68
C LYS A 105 32.18 -12.35 -5.28
N GLY A 106 32.23 -11.24 -4.54
CA GLY A 106 32.90 -10.06 -5.09
C GLY A 106 32.22 -9.58 -6.36
N GLN A 107 30.89 -9.51 -6.33
CA GLN A 107 30.15 -9.14 -7.53
C GLN A 107 29.23 -7.95 -7.26
N THR A 108 29.27 -7.00 -8.19
CA THR A 108 28.45 -5.81 -8.19
C THR A 108 27.54 -5.81 -9.41
N HIS A 109 26.26 -5.55 -9.20
CA HIS A 109 25.30 -5.39 -10.30
C HIS A 109 25.86 -4.44 -11.35
N THR A 110 25.82 -4.82 -12.62
CA THR A 110 26.32 -3.85 -13.61
C THR A 110 25.26 -2.78 -13.88
N LEU A 111 25.73 -1.61 -14.31
CA LEU A 111 24.82 -0.52 -14.63
C LEU A 111 23.98 -0.87 -15.85
N GLU A 112 24.60 -1.50 -16.85
CA GLU A 112 23.83 -1.75 -18.07
C GLU A 112 22.77 -2.83 -17.87
N ASP A 113 22.95 -3.72 -16.89
CA ASP A 113 21.87 -4.67 -16.61
C ASP A 113 20.70 -3.92 -16.00
N PHE A 114 20.98 -2.94 -15.14
CA PHE A 114 19.90 -2.15 -14.54
C PHE A 114 19.18 -1.32 -15.59
N GLN A 115 19.98 -0.74 -16.49
CA GLN A 115 19.47 0.16 -17.52
C GLN A 115 18.63 -0.57 -18.54
N ARG A 116 19.14 -1.71 -19.02
CA ARG A 116 18.41 -2.47 -20.04
C ARG A 116 17.03 -2.90 -19.54
N VAL A 117 16.97 -3.27 -18.26
CA VAL A 117 15.72 -3.72 -17.66
C VAL A 117 14.73 -2.56 -17.52
N LEU A 118 15.25 -1.41 -17.10
CA LEU A 118 14.46 -0.19 -17.02
C LEU A 118 13.92 0.20 -18.39
N ASP A 119 14.86 0.23 -19.35
CA ASP A 119 14.52 0.70 -20.68
C ASP A 119 13.41 -0.13 -21.32
N VAL A 120 13.55 -1.45 -21.31
CA VAL A 120 12.51 -2.26 -21.94
C VAL A 120 11.22 -2.25 -21.13
N ASN A 121 11.29 -2.56 -19.85
CA ASN A 121 10.12 -2.78 -19.03
C ASN A 121 9.34 -1.51 -18.70
N LEU A 122 10.05 -0.45 -18.37
CA LEU A 122 9.43 0.79 -17.90
C LEU A 122 9.35 1.83 -18.99
N MET A 123 10.50 2.26 -19.52
CA MET A 123 10.48 3.23 -20.62
C MET A 123 9.70 2.69 -21.81
N GLY A 124 9.91 1.42 -22.13
CA GLY A 124 9.24 0.80 -23.27
C GLY A 124 7.73 0.87 -23.13
N THR A 125 7.25 0.60 -21.92
CA THR A 125 5.81 0.65 -21.66
C THR A 125 5.29 2.10 -21.76
N PHE A 126 6.03 3.07 -21.23
CA PHE A 126 5.57 4.46 -21.33
C PHE A 126 5.63 4.93 -22.79
N ASN A 127 6.62 4.49 -23.56
CA ASN A 127 6.67 4.83 -24.98
C ASN A 127 5.42 4.35 -25.71
N VAL A 128 5.00 3.11 -25.45
CA VAL A 128 3.78 2.61 -26.10
C VAL A 128 2.57 3.42 -25.63
N ILE A 129 2.55 3.71 -24.32
CA ILE A 129 1.41 4.42 -23.76
C ILE A 129 1.24 5.80 -24.38
N ARG A 130 2.33 6.55 -24.46
CA ARG A 130 2.21 7.94 -24.90
C ARG A 130 1.80 8.04 -26.37
N LEU A 131 2.26 7.10 -27.17
CA LEU A 131 1.98 7.09 -28.60
C LEU A 131 0.58 6.56 -28.88
N VAL A 132 0.20 5.46 -28.22
CA VAL A 132 -1.12 4.89 -28.45
C VAL A 132 -2.20 5.80 -27.87
N ALA A 133 -1.90 6.57 -26.83
CA ALA A 133 -2.88 7.53 -26.33
C ALA A 133 -3.30 8.51 -27.41
N GLY A 134 -2.34 9.01 -28.19
CA GLY A 134 -2.65 9.94 -29.27
C GLY A 134 -3.48 9.27 -30.36
N GLU A 135 -3.32 7.96 -30.55
CA GLU A 135 -4.14 7.25 -31.51
C GLU A 135 -5.56 7.10 -31.00
N MET A 136 -5.71 6.76 -29.72
CA MET A 136 -7.05 6.59 -29.18
C MET A 136 -7.77 7.93 -29.11
N GLY A 137 -7.03 9.02 -28.89
CA GLY A 137 -7.65 10.33 -28.74
C GLY A 137 -8.39 10.75 -30.00
N GLN A 138 -8.05 10.13 -31.12
CA GLN A 138 -8.75 10.34 -32.39
C GLN A 138 -10.00 9.48 -32.47
N ASN A 139 -10.24 8.55 -31.54
CA ASN A 139 -11.51 7.83 -31.60
C ASN A 139 -12.65 8.75 -31.13
N GLU A 140 -13.82 8.60 -31.73
CA GLU A 140 -14.97 9.32 -31.16
C GLU A 140 -15.40 8.57 -29.91
N PRO A 141 -15.68 9.26 -28.82
CA PRO A 141 -16.03 8.55 -27.59
C PRO A 141 -17.30 7.72 -27.78
N ASP A 142 -17.38 6.58 -27.12
CA ASP A 142 -18.62 5.81 -27.13
C ASP A 142 -19.66 6.54 -26.28
N GLN A 143 -20.82 5.91 -26.14
CA GLN A 143 -21.90 6.47 -25.35
C GLN A 143 -21.49 6.71 -23.90
N GLY A 144 -20.44 6.05 -23.44
CA GLY A 144 -20.00 6.23 -22.06
C GLY A 144 -18.84 7.20 -21.94
N GLY A 145 -18.54 7.91 -23.02
CA GLY A 145 -17.49 8.89 -23.06
C GLY A 145 -16.13 8.29 -23.31
N GLN A 146 -16.05 6.98 -23.50
CA GLN A 146 -14.76 6.32 -23.54
C GLN A 146 -14.18 6.20 -24.94
N ARG A 147 -12.87 6.46 -25.05
CA ARG A 147 -12.14 6.39 -26.29
C ARG A 147 -11.13 5.24 -26.32
N GLY A 148 -10.72 4.75 -25.15
CA GLY A 148 -9.68 3.74 -25.13
C GLY A 148 -9.49 3.13 -23.75
N VAL A 149 -8.84 1.98 -23.71
CA VAL A 149 -8.39 1.33 -22.49
C VAL A 149 -6.93 0.90 -22.64
N ILE A 150 -6.11 1.22 -21.65
CA ILE A 150 -4.72 0.80 -21.64
C ILE A 150 -4.45 -0.04 -20.39
N ILE A 151 -3.85 -1.20 -20.57
CA ILE A 151 -3.61 -2.14 -19.49
C ILE A 151 -2.14 -2.52 -19.48
N ASN A 152 -1.49 -2.27 -18.35
CA ASN A 152 -0.05 -2.49 -18.24
C ASN A 152 0.24 -3.74 -17.41
N THR A 153 1.49 -4.23 -17.56
CA THR A 153 1.89 -5.35 -16.71
C THR A 153 3.04 -4.95 -15.80
N ALA A 154 2.78 -4.98 -14.50
CA ALA A 154 3.81 -4.79 -13.48
C ALA A 154 4.26 -6.17 -13.00
N SER A 155 4.19 -6.40 -11.70
CA SER A 155 4.58 -7.65 -11.07
C SER A 155 4.43 -7.54 -9.56
N VAL A 156 4.30 -8.65 -8.83
CA VAL A 156 4.31 -8.55 -7.37
C VAL A 156 5.69 -8.17 -6.87
N ALA A 157 6.70 -8.19 -7.73
CA ALA A 157 8.03 -7.70 -7.37
C ALA A 157 8.03 -6.19 -7.16
N ALA A 158 6.97 -5.50 -7.57
CA ALA A 158 6.80 -4.08 -7.26
C ALA A 158 6.58 -3.90 -5.77
N PHE A 159 6.13 -4.97 -5.10
CA PHE A 159 5.77 -4.88 -3.70
C PHE A 159 6.63 -5.77 -2.80
N GLU A 160 7.10 -6.91 -3.28
CA GLU A 160 7.91 -7.82 -2.50
C GLU A 160 9.11 -8.30 -3.33
N GLY A 161 9.91 -7.35 -3.82
CA GLY A 161 11.09 -7.72 -4.61
C GLY A 161 11.95 -8.74 -3.86
N GLN A 162 12.36 -9.80 -4.54
CA GLN A 162 13.17 -10.85 -3.93
C GLN A 162 14.66 -10.55 -4.07
N VAL A 163 15.47 -11.32 -3.36
CA VAL A 163 16.93 -11.19 -3.56
C VAL A 163 17.26 -11.39 -5.03
N GLY A 164 17.99 -10.48 -5.65
CA GLY A 164 18.31 -10.56 -7.06
C GLY A 164 17.37 -9.80 -7.97
N GLN A 165 16.26 -9.25 -7.45
CA GLN A 165 15.27 -8.60 -8.31
C GLN A 165 15.25 -7.08 -8.20
N ALA A 166 16.32 -6.43 -7.74
CA ALA A 166 16.31 -4.98 -7.61
C ALA A 166 16.00 -4.27 -8.91
N ALA A 167 16.68 -4.61 -10.01
CA ALA A 167 16.39 -3.95 -11.28
C ALA A 167 14.97 -4.22 -11.77
N TYR A 168 14.54 -5.48 -11.71
CA TYR A 168 13.19 -5.84 -12.12
C TYR A 168 12.15 -5.07 -11.29
N SER A 169 12.37 -5.05 -9.99
CA SER A 169 11.45 -4.43 -9.05
C SER A 169 11.36 -2.93 -9.29
N ALA A 170 12.50 -2.34 -9.64
CA ALA A 170 12.59 -0.92 -9.99
C ALA A 170 11.71 -0.62 -11.19
N SER A 171 11.83 -1.47 -12.22
CA SER A 171 11.07 -1.27 -13.45
C SER A 171 9.58 -1.48 -13.24
N LYS A 172 9.21 -2.46 -12.41
CA LYS A 172 7.79 -2.73 -12.18
C LYS A 172 7.19 -1.76 -11.17
N GLY A 173 7.97 -1.34 -10.17
CA GLY A 173 7.50 -0.33 -9.23
C GLY A 173 7.23 0.98 -9.98
N GLY A 174 8.05 1.22 -10.99
CA GLY A 174 7.85 2.36 -11.89
C GLY A 174 6.48 2.29 -12.55
N ILE A 175 6.13 1.12 -13.08
CA ILE A 175 4.84 0.94 -13.74
C ILE A 175 3.70 1.20 -12.77
N VAL A 176 3.88 0.63 -11.56
CA VAL A 176 2.85 0.87 -10.55
C VAL A 176 2.74 2.36 -10.27
N GLY A 177 3.85 3.03 -9.99
CA GLY A 177 3.79 4.44 -9.62
C GLY A 177 3.20 5.34 -10.69
N MET A 178 3.42 5.05 -11.98
CA MET A 178 2.89 5.99 -12.98
C MET A 178 1.48 5.65 -13.42
N THR A 179 0.90 4.58 -12.89
CA THR A 179 -0.46 4.20 -13.27
C THR A 179 -1.46 5.31 -12.98
N LEU A 180 -1.48 5.84 -11.77
CA LEU A 180 -2.48 6.85 -11.42
C LEU A 180 -2.28 8.17 -12.15
N PRO A 181 -1.10 8.76 -12.16
CA PRO A 181 -0.90 10.01 -12.91
C PRO A 181 -1.28 9.89 -14.39
N ILE A 182 -0.93 8.78 -15.05
CA ILE A 182 -1.32 8.67 -16.45
C ILE A 182 -2.84 8.60 -16.55
N ALA A 183 -3.47 7.80 -15.67
CA ALA A 183 -4.93 7.79 -15.62
C ALA A 183 -5.46 9.20 -15.39
N ARG A 184 -4.84 9.96 -14.49
CA ARG A 184 -5.32 11.33 -14.26
C ARG A 184 -5.09 12.16 -15.51
N ASP A 185 -3.93 11.99 -16.15
CA ASP A 185 -3.64 12.70 -17.39
C ASP A 185 -4.72 12.50 -18.45
N LEU A 186 -5.12 11.24 -18.67
CA LEU A 186 -5.98 10.91 -19.79
C LEU A 186 -7.47 10.89 -19.45
N ALA A 187 -7.80 11.05 -18.18
CA ALA A 187 -9.22 11.04 -17.79
C ALA A 187 -10.04 12.08 -18.55
N PRO A 188 -9.61 13.30 -18.78
CA PRO A 188 -10.44 14.22 -19.57
C PRO A 188 -10.75 13.71 -20.96
N ILE A 189 -10.01 12.72 -21.48
CA ILE A 189 -10.39 12.32 -22.84
C ILE A 189 -10.91 10.89 -22.87
N GLY A 190 -11.30 10.38 -21.71
CA GLY A 190 -11.95 9.10 -21.60
C GLY A 190 -11.10 7.89 -21.92
N ILE A 191 -9.82 7.92 -21.51
CA ILE A 191 -8.97 6.74 -21.68
C ILE A 191 -8.62 6.19 -20.31
N ARG A 192 -9.08 4.96 -20.04
CA ARG A 192 -8.81 4.32 -18.76
C ARG A 192 -7.40 3.72 -18.77
N VAL A 193 -6.77 3.72 -17.60
CA VAL A 193 -5.44 3.13 -17.48
C VAL A 193 -5.43 2.21 -16.26
N MET A 194 -5.15 0.93 -16.50
CA MET A 194 -5.15 -0.09 -15.46
C MET A 194 -3.87 -0.92 -15.50
N THR A 195 -3.53 -1.52 -14.37
CA THR A 195 -2.31 -2.35 -14.35
C THR A 195 -2.57 -3.68 -13.66
N ILE A 196 -2.02 -4.76 -14.23
CA ILE A 196 -2.09 -6.06 -13.59
C ILE A 196 -0.72 -6.41 -13.00
N ALA A 197 -0.70 -6.91 -11.77
CA ALA A 197 0.51 -7.43 -11.17
C ALA A 197 0.46 -8.95 -11.06
N PRO A 198 0.98 -9.66 -12.05
CA PRO A 198 0.99 -11.13 -11.95
C PRO A 198 1.96 -11.62 -10.87
N GLY A 199 1.62 -12.74 -10.25
CA GLY A 199 2.52 -13.35 -9.28
C GLY A 199 3.52 -14.25 -9.99
N LEU A 200 3.19 -15.54 -10.14
CA LEU A 200 4.08 -16.43 -10.90
C LEU A 200 3.27 -17.15 -11.98
N PHE A 201 3.67 -17.05 -13.24
CA PHE A 201 2.95 -17.71 -14.31
C PHE A 201 3.87 -18.61 -15.15
N GLY A 202 3.27 -19.69 -15.65
CA GLY A 202 4.01 -20.65 -16.46
C GLY A 202 4.17 -20.20 -17.90
N THR A 203 5.17 -19.37 -18.16
CA THR A 203 5.44 -18.83 -19.48
C THR A 203 6.89 -19.09 -19.86
N PRO A 204 7.27 -18.92 -21.11
CA PRO A 204 8.69 -19.06 -21.51
C PRO A 204 9.63 -18.15 -20.74
N LEU A 205 9.13 -17.12 -20.07
CA LEU A 205 9.96 -16.26 -19.23
C LEU A 205 10.73 -17.07 -18.19
N LEU A 206 10.09 -18.04 -17.55
CA LEU A 206 10.69 -18.78 -16.45
C LEU A 206 11.55 -19.95 -16.88
N THR A 207 11.65 -20.19 -18.19
CA THR A 207 12.30 -21.39 -18.71
C THR A 207 13.80 -21.39 -18.42
N SER A 208 14.42 -20.22 -18.48
CA SER A 208 15.83 -20.07 -18.16
C SER A 208 16.14 -20.64 -16.78
N LEU A 209 15.23 -20.48 -15.84
CA LEU A 209 15.38 -20.99 -14.49
C LEU A 209 15.52 -22.51 -14.45
N PRO A 210 16.37 -23.00 -13.56
CA PRO A 210 16.44 -24.44 -13.29
C PRO A 210 15.08 -25.00 -12.89
N GLU A 211 14.78 -26.18 -13.40
CA GLU A 211 13.50 -26.83 -13.16
C GLU A 211 13.16 -26.86 -11.69
N LYS A 212 14.17 -27.23 -10.90
CA LYS A 212 14.04 -27.27 -9.45
C LYS A 212 13.51 -25.95 -8.88
N VAL A 213 14.01 -24.82 -9.36
CA VAL A 213 13.53 -23.54 -8.85
C VAL A 213 12.08 -23.30 -9.25
N ARG A 214 11.78 -23.51 -10.53
CA ARG A 214 10.42 -23.40 -11.02
C ARG A 214 9.46 -24.23 -10.16
N ASN A 215 9.82 -25.49 -9.89
CA ASN A 215 8.93 -26.31 -9.06
C ASN A 215 8.83 -25.74 -7.65
N PHE A 216 9.95 -25.27 -7.11
CA PHE A 216 9.90 -24.73 -5.75
C PHE A 216 8.98 -23.51 -5.68
N LEU A 217 9.13 -22.59 -6.62
CA LEU A 217 8.26 -21.42 -6.71
C LEU A 217 6.79 -21.83 -6.82
N ALA A 218 6.54 -22.84 -7.66
CA ALA A 218 5.17 -23.34 -7.79
C ALA A 218 4.62 -23.82 -6.46
N SER A 219 5.49 -24.49 -5.69
CA SER A 219 5.00 -25.07 -4.45
C SER A 219 4.60 -24.00 -3.45
N GLN A 220 5.02 -22.75 -3.68
CA GLN A 220 4.77 -21.73 -2.67
C GLN A 220 3.50 -20.94 -2.87
N VAL A 221 2.79 -21.12 -3.98
CA VAL A 221 1.55 -20.35 -4.16
C VAL A 221 0.48 -20.93 -3.24
N PRO A 222 -0.03 -20.18 -2.28
CA PRO A 222 -1.01 -20.74 -1.33
C PRO A 222 -2.19 -21.44 -1.96
N PHE A 223 -2.98 -20.79 -2.80
CA PHE A 223 -4.09 -21.50 -3.43
C PHE A 223 -4.58 -20.70 -4.64
N PRO A 224 -4.67 -21.32 -5.81
CA PRO A 224 -4.32 -22.72 -6.04
C PRO A 224 -2.80 -22.92 -6.08
N SER A 225 -2.38 -24.09 -5.60
CA SER A 225 -0.96 -24.38 -5.42
C SER A 225 -0.31 -24.78 -6.73
N ARG A 226 -0.06 -23.76 -7.53
CA ARG A 226 0.55 -23.96 -8.83
C ARG A 226 0.87 -22.59 -9.45
N LEU A 227 1.71 -22.60 -10.47
CA LEU A 227 1.90 -21.38 -11.24
C LEU A 227 0.60 -20.95 -11.87
N GLY A 228 0.42 -19.66 -12.13
CA GLY A 228 -0.81 -19.25 -12.80
C GLY A 228 -0.78 -19.71 -14.25
N ASP A 229 -1.97 -19.96 -14.82
CA ASP A 229 -2.03 -20.28 -16.24
C ASP A 229 -2.21 -19.02 -17.06
N PRO A 230 -1.46 -18.83 -18.12
CA PRO A 230 -1.54 -17.58 -18.89
C PRO A 230 -2.96 -17.21 -19.31
N ALA A 231 -3.85 -18.19 -19.44
CA ALA A 231 -5.23 -17.85 -19.80
C ALA A 231 -5.92 -17.12 -18.64
N GLU A 232 -5.49 -17.37 -17.41
CA GLU A 232 -6.06 -16.66 -16.26
C GLU A 232 -5.72 -15.17 -16.32
N TYR A 233 -4.53 -14.83 -16.79
CA TYR A 233 -4.17 -13.44 -17.02
C TYR A 233 -5.10 -12.82 -18.08
N ALA A 234 -5.28 -13.55 -19.18
CA ALA A 234 -6.12 -13.15 -20.29
C ALA A 234 -7.55 -12.86 -19.85
N HIS A 235 -8.08 -13.70 -18.97
CA HIS A 235 -9.42 -13.48 -18.42
C HIS A 235 -9.47 -12.15 -17.68
N LEU A 236 -8.43 -11.82 -16.90
CA LEU A 236 -8.48 -10.59 -16.13
C LEU A 236 -8.41 -9.38 -17.06
N VAL A 237 -7.62 -9.43 -18.11
CA VAL A 237 -7.58 -8.35 -19.10
C VAL A 237 -8.97 -8.12 -19.69
N GLN A 238 -9.67 -9.20 -20.05
CA GLN A 238 -11.01 -9.00 -20.61
C GLN A 238 -11.96 -8.38 -19.61
N ALA A 239 -11.88 -8.81 -18.36
CA ALA A 239 -12.72 -8.30 -17.29
C ALA A 239 -12.52 -6.80 -17.10
N ILE A 240 -11.27 -6.35 -17.20
CA ILE A 240 -10.92 -4.94 -17.12
C ILE A 240 -11.43 -4.19 -18.34
N ILE A 241 -11.25 -4.78 -19.52
CA ILE A 241 -11.77 -4.15 -20.73
C ILE A 241 -13.28 -3.92 -20.60
N GLU A 242 -13.94 -4.94 -20.05
CA GLU A 242 -15.40 -4.92 -20.03
C GLU A 242 -15.96 -4.01 -18.94
N ASN A 243 -15.29 -3.89 -17.80
CA ASN A 243 -15.84 -3.10 -16.69
C ASN A 243 -15.49 -1.63 -16.83
N PRO A 244 -16.50 -0.80 -17.09
CA PRO A 244 -16.27 0.63 -17.29
C PRO A 244 -15.76 1.36 -16.07
N PHE A 245 -15.89 0.84 -14.85
CA PHE A 245 -15.51 1.70 -13.72
C PHE A 245 -14.11 1.38 -13.20
N LEU A 246 -13.38 0.45 -13.79
CA LEU A 246 -12.03 0.12 -13.34
C LEU A 246 -11.00 1.06 -13.96
N ASN A 247 -10.38 1.89 -13.13
CA ASN A 247 -9.39 2.84 -13.65
C ASN A 247 -8.37 3.24 -12.59
N GLY A 248 -7.13 3.48 -12.98
CA GLY A 248 -6.10 3.97 -12.08
C GLY A 248 -5.69 3.04 -10.96
N GLU A 249 -5.88 1.73 -11.15
CA GLU A 249 -5.66 0.76 -10.09
C GLU A 249 -4.70 -0.33 -10.53
N VAL A 250 -4.06 -0.97 -9.56
CA VAL A 250 -3.16 -2.09 -9.80
C VAL A 250 -3.77 -3.36 -9.19
N ILE A 251 -3.85 -4.45 -9.96
CA ILE A 251 -4.51 -5.65 -9.45
C ILE A 251 -3.55 -6.83 -9.38
N ARG A 252 -3.34 -7.35 -8.17
CA ARG A 252 -2.48 -8.51 -7.96
C ARG A 252 -3.21 -9.78 -8.46
N LEU A 253 -2.58 -10.54 -9.35
CA LEU A 253 -3.13 -11.81 -9.81
C LEU A 253 -2.12 -12.90 -9.48
N ASP A 254 -2.24 -13.52 -8.31
CA ASP A 254 -1.11 -14.26 -7.77
C ASP A 254 -1.45 -15.38 -6.82
N GLY A 255 -2.72 -15.78 -6.67
CA GLY A 255 -3.01 -16.93 -5.82
C GLY A 255 -2.68 -16.70 -4.36
N ALA A 256 -2.69 -15.42 -3.96
CA ALA A 256 -2.48 -14.99 -2.59
C ALA A 256 -1.02 -15.12 -2.16
N ILE A 257 -0.09 -15.32 -3.09
CA ILE A 257 1.30 -15.46 -2.65
C ILE A 257 1.87 -14.12 -2.19
N ARG A 258 2.84 -14.18 -1.29
CA ARG A 258 3.66 -13.02 -0.94
C ARG A 258 5.12 -13.45 -1.04
N MET A 259 5.93 -12.84 -1.89
CA MET A 259 7.29 -13.36 -2.11
C MET A 259 8.25 -13.10 -0.97
N GLN A 260 8.99 -14.14 -0.62
CA GLN A 260 10.01 -14.04 0.45
C GLN A 260 11.36 -13.68 -0.14
N PRO A 261 12.39 -13.41 0.65
CA PRO A 261 13.70 -13.07 0.07
C PRO A 261 14.16 -14.09 -0.96
N SER B 7 24.15 7.46 18.12
CA SER B 7 24.69 8.77 17.76
C SER B 7 25.36 8.76 16.39
N VAL B 8 25.26 9.89 15.68
CA VAL B 8 25.91 9.94 14.37
C VAL B 8 27.29 10.58 14.48
N LYS B 9 27.67 10.96 15.70
CA LYS B 9 29.00 11.49 15.92
C LYS B 9 30.06 10.53 15.39
N GLY B 10 30.96 11.02 14.56
CA GLY B 10 32.04 10.19 14.05
C GLY B 10 31.70 9.40 12.81
N LEU B 11 30.42 9.28 12.47
CA LEU B 11 30.03 8.59 11.25
C LEU B 11 30.42 9.39 10.00
N VAL B 12 30.66 8.72 8.88
CA VAL B 12 30.94 9.37 7.60
C VAL B 12 29.79 9.18 6.61
N ALA B 13 29.20 10.27 6.14
CA ALA B 13 28.08 10.22 5.21
C ALA B 13 28.39 10.82 3.85
N VAL B 14 28.04 10.08 2.80
CA VAL B 14 28.11 10.58 1.44
C VAL B 14 26.70 11.00 1.03
N ILE B 15 26.50 12.26 0.70
CA ILE B 15 25.16 12.82 0.41
C ILE B 15 25.07 13.39 -1.00
N THR B 16 24.30 12.75 -1.86
CA THR B 16 24.09 13.26 -3.21
C THR B 16 23.04 14.37 -3.21
N GLY B 17 23.15 15.30 -4.14
CA GLY B 17 22.37 16.53 -4.10
C GLY B 17 22.73 17.37 -2.91
N GLY B 18 23.95 17.15 -2.39
CA GLY B 18 24.36 17.80 -1.17
C GLY B 18 24.58 19.30 -1.31
N ALA B 19 24.58 19.85 -2.52
CA ALA B 19 24.78 21.28 -2.68
C ALA B 19 23.54 22.09 -2.33
N SER B 20 22.38 21.43 -2.26
CA SER B 20 21.14 22.19 -2.14
C SER B 20 20.06 21.43 -1.38
N GLY B 21 18.99 22.14 -1.08
CA GLY B 21 17.75 21.63 -0.58
C GLY B 21 17.83 20.55 0.45
N LEU B 22 17.25 19.38 0.15
CA LEU B 22 17.19 18.35 1.19
C LEU B 22 18.57 17.80 1.52
N GLY B 23 19.39 17.55 0.52
CA GLY B 23 20.72 16.99 0.79
C GLY B 23 21.56 17.94 1.62
N LEU B 24 21.53 19.21 1.22
CA LEU B 24 22.26 20.23 1.99
C LEU B 24 21.80 20.28 3.42
N ALA B 25 20.48 20.29 3.64
CA ALA B 25 19.95 20.32 5.00
C ALA B 25 20.44 19.12 5.80
N THR B 26 20.54 17.97 5.12
CA THR B 26 21.01 16.78 5.81
C THR B 26 22.47 16.93 6.23
N ALA B 27 23.29 17.38 5.30
CA ALA B 27 24.70 17.64 5.59
C ALA B 27 24.86 18.57 6.78
N GLU B 28 24.19 19.73 6.74
CA GLU B 28 24.29 20.68 7.83
C GLU B 28 24.01 20.05 9.18
N ARG B 29 22.90 19.32 9.27
CA ARG B 29 22.53 18.71 10.53
C ARG B 29 23.50 17.62 10.94
N LEU B 30 23.91 16.75 10.00
CA LEU B 30 24.82 15.68 10.44
C LEU B 30 26.18 16.26 10.84
N VAL B 31 26.71 17.19 10.05
CA VAL B 31 27.97 17.83 10.44
C VAL B 31 27.80 18.53 11.78
N GLY B 32 26.68 19.26 11.93
CA GLY B 32 26.41 19.90 13.21
C GLY B 32 26.38 18.93 14.36
N GLN B 33 26.09 17.66 14.08
CA GLN B 33 25.99 16.64 15.12
C GLN B 33 27.29 15.86 15.29
N GLY B 34 28.38 16.26 14.63
CA GLY B 34 29.64 15.56 14.84
C GLY B 34 29.99 14.55 13.77
N ALA B 35 29.16 14.38 12.74
CA ALA B 35 29.51 13.47 11.66
C ALA B 35 30.40 14.12 10.62
N SER B 36 30.95 13.33 9.68
CA SER B 36 31.69 13.90 8.56
C SER B 36 30.85 13.80 7.30
N ALA B 37 30.95 14.76 6.37
CA ALA B 37 30.05 14.63 5.21
C ALA B 37 30.77 14.92 3.91
N VAL B 38 30.40 14.13 2.90
CA VAL B 38 30.82 14.37 1.54
C VAL B 38 29.61 14.84 0.73
N LEU B 39 29.71 16.06 0.20
CA LEU B 39 28.68 16.62 -0.65
C LEU B 39 28.88 16.19 -2.10
N LEU B 40 28.03 15.29 -2.54
CA LEU B 40 28.15 14.78 -3.92
C LEU B 40 27.17 15.52 -4.81
N ASP B 41 27.68 16.30 -5.76
CA ASP B 41 26.78 17.12 -6.58
C ASP B 41 27.48 17.52 -7.87
N LEU B 42 26.77 18.22 -8.76
CA LEU B 42 27.35 18.59 -10.04
C LEU B 42 28.39 19.68 -9.86
N PRO B 43 29.38 19.71 -10.75
CA PRO B 43 30.48 20.66 -10.62
C PRO B 43 30.02 22.11 -10.66
N ASN B 44 28.99 22.40 -11.43
CA ASN B 44 28.65 23.82 -11.63
C ASN B 44 27.80 24.38 -10.51
N SER B 45 27.43 23.53 -9.57
CA SER B 45 26.62 23.93 -8.43
C SER B 45 27.47 24.68 -7.41
N GLY B 46 26.87 25.09 -6.29
CA GLY B 46 27.63 25.71 -5.21
C GLY B 46 28.07 24.70 -4.16
N GLY B 47 28.39 23.47 -4.55
CA GLY B 47 28.79 22.51 -3.52
C GLY B 47 30.06 22.91 -2.79
N GLU B 48 31.05 23.43 -3.53
CA GLU B 48 32.34 23.76 -2.90
C GLU B 48 32.12 24.77 -1.77
N ALA B 49 31.37 25.82 -2.07
CA ALA B 49 31.09 26.82 -1.04
C ALA B 49 30.38 26.22 0.16
N GLN B 50 29.41 25.32 -0.07
CA GLN B 50 28.71 24.78 1.10
C GLN B 50 29.65 23.91 1.93
N ALA B 51 30.51 23.17 1.25
CA ALA B 51 31.48 22.33 1.95
C ALA B 51 32.47 23.19 2.74
N LYS B 52 32.94 24.27 2.10
CA LYS B 52 33.82 25.20 2.81
C LYS B 52 33.11 25.75 4.03
N LYS B 53 31.86 26.19 3.86
CA LYS B 53 31.12 26.73 4.99
C LYS B 53 30.96 25.72 6.12
N LEU B 54 30.87 24.43 5.78
CA LEU B 54 30.50 23.49 6.85
C LEU B 54 31.69 23.02 7.67
N GLY B 55 32.91 23.35 7.24
CA GLY B 55 34.08 23.10 8.04
C GLY B 55 34.94 21.95 7.56
N ASN B 56 35.97 21.63 8.33
CA ASN B 56 36.92 20.59 8.02
C ASN B 56 36.30 19.21 7.92
N ASN B 57 35.16 19.00 8.56
CA ASN B 57 34.52 17.68 8.49
C ASN B 57 33.61 17.54 7.27
N CYS B 58 33.68 18.49 6.34
CA CYS B 58 32.85 18.43 5.15
C CYS B 58 33.62 18.80 3.89
N VAL B 59 33.58 17.95 2.87
CA VAL B 59 34.21 18.25 1.60
C VAL B 59 33.24 18.07 0.44
N PHE B 60 33.57 18.68 -0.70
CA PHE B 60 32.79 18.61 -1.91
C PHE B 60 33.42 17.64 -2.90
N ALA B 61 32.59 16.74 -3.43
CA ALA B 61 33.01 15.81 -4.46
C ALA B 61 32.14 15.99 -5.70
N PRO B 62 32.68 16.62 -6.74
CA PRO B 62 31.93 16.78 -7.99
C PRO B 62 31.62 15.45 -8.65
N ALA B 63 30.36 15.22 -9.01
CA ALA B 63 30.01 13.98 -9.69
C ALA B 63 28.59 14.05 -10.26
N ASP B 64 28.40 13.43 -11.41
CA ASP B 64 27.07 13.15 -11.96
C ASP B 64 26.68 11.73 -11.57
N VAL B 65 25.55 11.55 -10.88
CA VAL B 65 25.20 10.22 -10.37
C VAL B 65 24.83 9.27 -11.49
N THR B 66 24.59 9.79 -12.70
CA THR B 66 24.29 8.88 -13.81
C THR B 66 25.57 8.31 -14.41
N SER B 67 26.73 8.70 -13.90
CA SER B 67 27.99 8.25 -14.49
C SER B 67 28.78 7.38 -13.52
N GLU B 68 29.07 6.15 -13.94
CA GLU B 68 29.77 5.19 -13.08
C GLU B 68 31.13 5.75 -12.65
N LYS B 69 31.88 6.22 -13.63
CA LYS B 69 33.20 6.78 -13.38
C LYS B 69 33.15 7.93 -12.39
N ASP B 70 32.22 8.87 -12.60
CA ASP B 70 32.12 10.00 -11.66
C ASP B 70 31.86 9.51 -10.25
N VAL B 71 30.91 8.56 -10.09
CA VAL B 71 30.59 8.15 -8.72
C VAL B 71 31.76 7.38 -8.12
N GLN B 72 32.41 6.56 -8.95
CA GLN B 72 33.62 5.90 -8.45
C GLN B 72 34.62 6.95 -8.00
N THR B 73 34.79 7.98 -8.83
CA THR B 73 35.71 9.05 -8.47
C THR B 73 35.36 9.69 -7.14
N ALA B 74 34.08 10.04 -6.97
CA ALA B 74 33.64 10.64 -5.72
C ALA B 74 33.84 9.70 -4.55
N LEU B 75 33.59 8.40 -4.72
CA LEU B 75 33.72 7.52 -3.56
C LEU B 75 35.18 7.30 -3.18
N ALA B 76 36.05 7.25 -4.18
CA ALA B 76 37.49 7.16 -3.91
C ALA B 76 37.95 8.39 -3.14
N LEU B 77 37.42 9.55 -3.51
CA LEU B 77 37.75 10.79 -2.81
C LEU B 77 37.29 10.71 -1.36
N ALA B 78 36.10 10.18 -1.12
CA ALA B 78 35.61 10.09 0.25
C ALA B 78 36.48 9.15 1.09
N LYS B 79 36.85 7.99 0.53
CA LYS B 79 37.68 7.09 1.34
C LYS B 79 39.00 7.78 1.67
N GLY B 80 39.66 8.27 0.62
CA GLY B 80 40.91 8.99 0.76
C GLY B 80 40.81 10.13 1.75
N LYS B 81 39.64 10.79 1.82
CA LYS B 81 39.59 11.91 2.77
C LYS B 81 39.17 11.45 4.16
N PHE B 82 38.20 10.55 4.28
CA PHE B 82 37.69 10.23 5.61
C PHE B 82 37.85 8.77 6.00
N GLY B 83 38.42 7.96 5.11
CA GLY B 83 38.82 6.61 5.41
C GLY B 83 37.78 5.52 5.26
N ARG B 84 36.50 5.84 5.34
CA ARG B 84 35.42 4.86 5.21
C ARG B 84 34.11 5.59 4.93
N VAL B 85 33.07 4.84 4.58
CA VAL B 85 31.73 5.37 4.44
C VAL B 85 30.73 4.56 5.26
N ASP B 86 29.98 5.22 6.13
CA ASP B 86 29.03 4.56 7.01
C ASP B 86 27.58 4.73 6.55
N VAL B 87 27.35 5.83 5.85
CA VAL B 87 26.02 6.27 5.47
C VAL B 87 26.03 6.85 4.07
N ALA B 88 24.98 6.54 3.30
CA ALA B 88 24.77 7.15 2.00
C ALA B 88 23.32 7.64 1.98
N VAL B 89 23.14 8.86 1.46
CA VAL B 89 21.82 9.44 1.33
C VAL B 89 21.69 9.98 -0.10
N ASN B 90 20.74 9.43 -0.84
CA ASN B 90 20.45 9.81 -2.21
C ASN B 90 19.42 10.93 -2.27
N CYS B 91 19.89 12.16 -2.53
CA CYS B 91 18.97 13.29 -2.64
C CYS B 91 18.98 13.87 -4.04
N ALA B 92 20.03 13.57 -4.81
CA ALA B 92 20.11 13.99 -6.21
C ALA B 92 18.83 13.66 -6.97
N GLY B 93 18.25 14.67 -7.60
CA GLY B 93 17.03 14.44 -8.36
C GLY B 93 16.64 15.62 -9.24
N ILE B 94 15.78 15.37 -10.23
CA ILE B 94 15.23 16.41 -11.07
C ILE B 94 13.72 16.23 -11.19
N ALA B 95 13.04 17.27 -11.67
CA ALA B 95 11.60 17.26 -11.86
C ALA B 95 11.25 17.71 -13.26
N VAL B 96 10.14 17.20 -13.79
CA VAL B 96 9.57 17.75 -14.99
C VAL B 96 8.05 17.73 -14.83
N ALA B 97 7.41 18.65 -15.53
CA ALA B 97 5.94 18.65 -15.56
C ALA B 97 5.55 18.54 -17.03
N SER B 98 4.91 17.45 -17.41
CA SER B 98 4.53 17.23 -18.81
C SER B 98 3.50 16.11 -18.84
N LYS B 99 2.33 16.42 -19.39
CA LYS B 99 1.26 15.46 -19.51
C LYS B 99 1.58 14.34 -20.52
N THR B 100 1.04 13.15 -20.24
CA THR B 100 1.27 12.01 -21.13
C THR B 100 0.86 12.31 -22.55
N TYR B 101 -0.34 12.87 -22.67
CA TYR B 101 -0.83 13.36 -23.95
C TYR B 101 -1.76 14.55 -23.72
N ASN B 102 -1.71 15.53 -24.62
CA ASN B 102 -2.66 16.63 -24.61
C ASN B 102 -3.44 16.67 -25.91
N LEU B 103 -4.71 16.33 -25.86
CA LEU B 103 -5.54 16.32 -27.07
C LEU B 103 -5.83 17.74 -27.56
N LYS B 104 -6.22 18.62 -26.66
CA LYS B 104 -6.47 20.02 -26.98
C LYS B 104 -5.26 20.69 -27.63
N LYS B 105 -4.06 20.31 -27.18
CA LYS B 105 -2.83 20.84 -27.77
C LYS B 105 -2.32 19.95 -28.89
N GLY B 106 -2.78 18.71 -28.96
CA GLY B 106 -2.20 17.80 -29.94
C GLY B 106 -0.77 17.43 -29.57
N GLN B 107 -0.43 17.46 -28.29
CA GLN B 107 0.95 17.34 -27.85
C GLN B 107 1.20 16.06 -27.05
N THR B 108 2.34 15.47 -27.29
CA THR B 108 2.77 14.21 -26.71
C THR B 108 3.99 14.37 -25.82
N HIS B 109 3.97 13.77 -24.63
CA HIS B 109 5.17 13.77 -23.77
C HIS B 109 6.36 13.25 -24.56
N THR B 110 7.51 13.94 -24.52
CA THR B 110 8.61 13.42 -25.31
C THR B 110 9.29 12.23 -24.64
N LEU B 111 9.79 11.30 -25.44
CA LEU B 111 10.48 10.15 -24.87
C LEU B 111 11.63 10.59 -23.99
N GLU B 112 12.46 11.51 -24.49
CA GLU B 112 13.69 11.81 -23.74
C GLU B 112 13.40 12.60 -22.47
N ASP B 113 12.28 13.31 -22.39
CA ASP B 113 11.89 13.89 -21.10
C ASP B 113 11.67 12.78 -20.08
N PHE B 114 11.08 11.66 -20.54
CA PHE B 114 10.82 10.55 -19.63
C PHE B 114 12.13 9.86 -19.24
N GLN B 115 12.98 9.63 -20.23
CA GLN B 115 14.26 8.95 -20.05
C GLN B 115 15.17 9.73 -19.11
N ARG B 116 15.22 11.04 -19.28
CA ARG B 116 16.12 11.87 -18.48
C ARG B 116 15.79 11.80 -16.99
N VAL B 117 14.50 11.84 -16.67
CA VAL B 117 14.09 11.87 -15.28
C VAL B 117 14.33 10.52 -14.62
N LEU B 118 14.05 9.45 -15.34
CA LEU B 118 14.38 8.08 -14.95
C LEU B 118 15.89 7.98 -14.69
N ASP B 119 16.66 8.41 -15.68
CA ASP B 119 18.10 8.34 -15.62
C ASP B 119 18.67 9.00 -14.36
N VAL B 120 18.29 10.25 -14.10
CA VAL B 120 18.84 10.88 -12.90
C VAL B 120 18.25 10.29 -11.62
N ASN B 121 16.92 10.22 -11.56
CA ASN B 121 16.25 9.92 -10.30
C ASN B 121 16.37 8.46 -9.87
N LEU B 122 16.24 7.54 -10.82
CA LEU B 122 16.15 6.11 -10.47
C LEU B 122 17.48 5.42 -10.74
N MET B 123 17.93 5.41 -11.99
CA MET B 123 19.23 4.82 -12.32
C MET B 123 20.35 5.44 -11.49
N GLY B 124 20.37 6.77 -11.43
CA GLY B 124 21.39 7.49 -10.68
C GLY B 124 21.46 7.04 -9.22
N THR B 125 20.30 6.97 -8.58
CA THR B 125 20.24 6.44 -7.22
C THR B 125 20.72 5.00 -7.16
N PHE B 126 20.32 4.13 -8.10
CA PHE B 126 20.82 2.74 -8.02
C PHE B 126 22.33 2.69 -8.22
N ASN B 127 22.86 3.50 -9.13
CA ASN B 127 24.30 3.58 -9.39
C ASN B 127 25.09 3.89 -8.12
N VAL B 128 24.63 4.88 -7.35
CA VAL B 128 25.30 5.20 -6.10
C VAL B 128 25.15 4.06 -5.09
N ILE B 129 23.97 3.45 -5.01
CA ILE B 129 23.74 2.36 -4.06
C ILE B 129 24.67 1.17 -4.31
N ARG B 130 24.76 0.72 -5.56
CA ARG B 130 25.53 -0.49 -5.89
C ARG B 130 27.02 -0.29 -5.65
N LEU B 131 27.52 0.90 -5.97
CA LEU B 131 28.92 1.24 -5.80
C LEU B 131 29.22 1.53 -4.34
N VAL B 132 28.35 2.25 -3.64
CA VAL B 132 28.61 2.52 -2.23
C VAL B 132 28.43 1.25 -1.40
N ALA B 133 27.57 0.32 -1.83
CA ALA B 133 27.45 -0.92 -1.07
C ALA B 133 28.79 -1.67 -1.05
N GLY B 134 29.50 -1.63 -2.17
CA GLY B 134 30.78 -2.30 -2.29
C GLY B 134 31.84 -1.66 -1.41
N GLU B 135 31.75 -0.35 -1.21
CA GLU B 135 32.62 0.34 -0.27
C GLU B 135 32.26 -0.04 1.15
N MET B 136 30.96 -0.07 1.45
CA MET B 136 30.56 -0.36 2.84
C MET B 136 30.89 -1.79 3.19
N GLY B 137 30.91 -2.67 2.19
CA GLY B 137 31.20 -4.07 2.49
C GLY B 137 32.59 -4.28 3.03
N GLN B 138 33.46 -3.28 2.90
CA GLN B 138 34.83 -3.37 3.42
C GLN B 138 34.88 -2.98 4.88
N ASN B 139 33.81 -2.37 5.41
CA ASN B 139 33.83 -1.97 6.81
C ASN B 139 33.72 -3.18 7.72
N GLU B 140 34.43 -3.15 8.85
CA GLU B 140 34.17 -4.15 9.88
C GLU B 140 32.79 -3.89 10.48
N PRO B 141 31.98 -4.93 10.68
CA PRO B 141 30.64 -4.73 11.24
C PRO B 141 30.72 -4.12 12.64
N ASP B 142 29.77 -3.28 13.00
CA ASP B 142 29.81 -2.68 14.33
C ASP B 142 29.34 -3.68 15.36
N GLN B 143 29.15 -3.22 16.59
CA GLN B 143 28.67 -4.08 17.67
C GLN B 143 27.32 -4.69 17.32
N GLY B 144 26.57 -4.04 16.44
CA GLY B 144 25.25 -4.53 16.04
C GLY B 144 25.33 -5.39 14.80
N GLY B 145 26.55 -5.58 14.30
CA GLY B 145 26.76 -6.32 13.08
C GLY B 145 26.51 -5.44 11.86
N GLN B 146 26.45 -4.13 12.05
CA GLN B 146 26.09 -3.25 10.93
C GLN B 146 27.30 -2.68 10.21
N ARG B 147 27.27 -2.70 8.88
CA ARG B 147 28.34 -2.10 8.10
C ARG B 147 27.93 -0.80 7.42
N GLY B 148 26.63 -0.51 7.34
CA GLY B 148 26.23 0.68 6.60
C GLY B 148 24.73 0.92 6.65
N VAL B 149 24.31 2.13 6.32
CA VAL B 149 22.92 2.54 6.18
C VAL B 149 22.75 3.37 4.91
N ILE B 150 21.82 2.99 4.05
CA ILE B 150 21.55 3.71 2.81
C ILE B 150 20.11 4.24 2.84
N ILE B 151 19.95 5.54 2.61
CA ILE B 151 18.64 6.20 2.64
C ILE B 151 18.37 6.85 1.29
N ASN B 152 17.26 6.50 0.67
CA ASN B 152 16.89 7.05 -0.63
C ASN B 152 15.81 8.11 -0.47
N THR B 153 15.62 8.92 -1.51
CA THR B 153 14.56 9.91 -1.50
C THR B 153 13.56 9.57 -2.60
N ALA B 154 12.36 9.18 -2.19
CA ALA B 154 11.31 8.93 -3.18
C ALA B 154 10.48 10.22 -3.28
N SER B 155 9.18 10.09 -3.13
CA SER B 155 8.25 11.21 -3.13
C SER B 155 6.83 10.70 -2.95
N VAL B 156 5.91 11.50 -2.41
CA VAL B 156 4.53 11.02 -2.36
C VAL B 156 3.96 10.80 -3.76
N ALA B 157 4.57 11.39 -4.79
CA ALA B 157 4.17 11.19 -6.18
C ALA B 157 4.32 9.73 -6.61
N ALA B 158 5.06 8.94 -5.84
CA ALA B 158 5.11 7.50 -5.99
C ALA B 158 3.73 6.90 -5.77
N PHE B 159 2.92 7.56 -4.95
CA PHE B 159 1.63 7.03 -4.53
C PHE B 159 0.43 7.80 -5.06
N GLU B 160 0.56 9.11 -5.22
CA GLU B 160 -0.52 9.94 -5.76
C GLU B 160 0.03 10.89 -6.83
N GLY B 161 0.66 10.35 -7.86
CA GLY B 161 1.24 11.21 -8.90
C GLY B 161 0.16 12.12 -9.47
N GLN B 162 0.48 13.38 -9.69
CA GLN B 162 -0.48 14.35 -10.17
C GLN B 162 -0.50 14.41 -11.69
N VAL B 163 -1.49 15.11 -12.25
CA VAL B 163 -1.43 15.40 -13.68
C VAL B 163 -0.08 16.06 -14.00
N GLY B 164 0.57 15.60 -15.06
CA GLY B 164 1.86 16.12 -15.50
C GLY B 164 3.06 15.35 -14.94
N GLN B 165 2.85 14.54 -13.92
CA GLN B 165 3.93 13.89 -13.18
C GLN B 165 4.23 12.45 -13.57
N ALA B 166 3.83 11.99 -14.75
CA ALA B 166 4.06 10.60 -15.13
C ALA B 166 5.52 10.20 -15.04
N ALA B 167 6.46 10.96 -15.60
CA ALA B 167 7.86 10.53 -15.56
C ALA B 167 8.42 10.54 -14.15
N TYR B 168 8.20 11.62 -13.41
CA TYR B 168 8.65 11.74 -12.03
C TYR B 168 8.08 10.62 -11.17
N SER B 169 6.76 10.40 -11.31
CA SER B 169 6.09 9.37 -10.54
C SER B 169 6.70 8.00 -10.85
N ALA B 170 7.05 7.78 -12.11
CA ALA B 170 7.63 6.51 -12.54
C ALA B 170 8.94 6.27 -11.79
N SER B 171 9.75 7.34 -11.80
CA SER B 171 11.08 7.26 -11.20
C SER B 171 10.99 7.09 -9.70
N LYS B 172 10.04 7.78 -9.05
CA LYS B 172 9.99 7.67 -7.59
C LYS B 172 9.33 6.35 -7.16
N GLY B 173 8.42 5.85 -7.98
CA GLY B 173 7.81 4.54 -7.72
C GLY B 173 8.85 3.44 -7.85
N GLY B 174 9.77 3.61 -8.78
CA GLY B 174 10.89 2.68 -8.96
C GLY B 174 11.78 2.66 -7.72
N ILE B 175 12.06 3.85 -7.16
CA ILE B 175 12.82 3.88 -5.92
C ILE B 175 12.07 3.16 -4.80
N VAL B 176 10.77 3.43 -4.69
CA VAL B 176 9.99 2.68 -3.70
C VAL B 176 10.09 1.17 -3.97
N GLY B 177 9.87 0.74 -5.20
CA GLY B 177 9.79 -0.68 -5.52
C GLY B 177 11.05 -1.45 -5.26
N MET B 178 12.21 -0.82 -5.49
CA MET B 178 13.46 -1.54 -5.29
C MET B 178 13.96 -1.42 -3.87
N THR B 179 13.25 -0.68 -3.00
CA THR B 179 13.74 -0.51 -1.64
C THR B 179 13.85 -1.83 -0.89
N LEU B 180 12.81 -2.67 -0.93
CA LEU B 180 12.87 -3.93 -0.21
C LEU B 180 13.86 -4.92 -0.80
N PRO B 181 13.84 -5.20 -2.09
CA PRO B 181 14.78 -6.21 -2.63
C PRO B 181 16.24 -5.79 -2.40
N ILE B 182 16.53 -4.49 -2.47
CA ILE B 182 17.92 -4.11 -2.17
C ILE B 182 18.21 -4.36 -0.70
N ALA B 183 17.27 -4.04 0.18
CA ALA B 183 17.48 -4.35 1.59
C ALA B 183 17.68 -5.86 1.77
N ARG B 184 16.91 -6.65 1.04
CA ARG B 184 17.05 -8.11 1.15
C ARG B 184 18.44 -8.53 0.67
N ASP B 185 18.85 -7.98 -0.48
CA ASP B 185 20.15 -8.28 -1.06
C ASP B 185 21.29 -8.07 -0.06
N LEU B 186 21.24 -6.96 0.67
CA LEU B 186 22.39 -6.53 1.48
C LEU B 186 22.26 -6.91 2.95
N ALA B 187 21.12 -7.43 3.34
CA ALA B 187 20.94 -7.93 4.70
C ALA B 187 22.06 -8.88 5.15
N PRO B 188 22.50 -9.85 4.38
CA PRO B 188 23.59 -10.71 4.87
C PRO B 188 24.87 -9.95 5.17
N ILE B 189 25.00 -8.72 4.70
CA ILE B 189 26.25 -8.03 5.04
C ILE B 189 25.99 -6.85 5.97
N GLY B 190 24.77 -6.72 6.49
CA GLY B 190 24.54 -5.69 7.49
C GLY B 190 24.43 -4.29 6.93
N ILE B 191 23.88 -4.14 5.72
CA ILE B 191 23.61 -2.77 5.26
C ILE B 191 22.10 -2.52 5.16
N ARG B 192 21.54 -1.68 6.03
CA ARG B 192 20.12 -1.38 6.02
C ARG B 192 19.76 -0.41 4.90
N VAL B 193 18.57 -0.57 4.33
CA VAL B 193 18.14 0.25 3.19
C VAL B 193 16.76 0.80 3.50
N MET B 194 16.66 2.12 3.51
CA MET B 194 15.45 2.83 3.90
C MET B 194 15.10 3.91 2.88
N THR B 195 13.81 4.28 2.85
CA THR B 195 13.41 5.30 1.87
C THR B 195 12.49 6.33 2.52
N ILE B 196 12.72 7.60 2.18
CA ILE B 196 11.85 8.69 2.63
C ILE B 196 11.05 9.19 1.42
N ALA B 197 9.76 9.39 1.61
CA ALA B 197 8.90 9.94 0.57
C ALA B 197 8.42 11.33 0.95
N PRO B 198 9.14 12.38 0.60
CA PRO B 198 8.70 13.73 0.96
C PRO B 198 7.43 14.14 0.25
N GLY B 199 6.57 14.93 0.88
CA GLY B 199 5.45 15.54 0.18
C GLY B 199 5.89 16.85 -0.45
N LEU B 200 5.51 17.99 0.14
CA LEU B 200 5.87 19.30 -0.36
C LEU B 200 6.80 20.04 0.61
N PHE B 201 8.00 20.35 0.14
CA PHE B 201 9.03 20.92 1.00
C PHE B 201 9.59 22.22 0.44
N GLY B 202 9.94 23.11 1.36
CA GLY B 202 10.49 24.39 0.94
C GLY B 202 11.94 24.30 0.56
N THR B 203 12.27 23.62 -0.53
CA THR B 203 13.61 23.70 -1.11
C THR B 203 13.54 24.67 -2.28
N PRO B 204 14.62 25.09 -2.93
CA PRO B 204 14.51 26.03 -4.06
C PRO B 204 13.46 25.62 -5.09
N LEU B 205 13.23 24.33 -5.22
CA LEU B 205 12.19 23.79 -6.09
C LEU B 205 10.86 24.47 -5.84
N LEU B 206 10.52 24.79 -4.60
CA LEU B 206 9.22 25.42 -4.35
C LEU B 206 9.35 26.85 -3.85
N THR B 207 10.34 27.12 -3.02
CA THR B 207 10.50 28.48 -2.50
C THR B 207 10.76 29.49 -3.60
N SER B 208 11.22 29.04 -4.77
CA SER B 208 11.53 29.97 -5.87
C SER B 208 10.30 30.22 -6.73
N LEU B 209 9.15 29.74 -6.24
CA LEU B 209 7.90 29.98 -6.93
C LEU B 209 7.24 31.25 -6.40
N PRO B 210 6.38 31.84 -7.22
CA PRO B 210 5.64 33.04 -6.83
C PRO B 210 4.92 32.84 -5.49
N GLU B 211 4.87 33.92 -4.71
CA GLU B 211 4.29 33.87 -3.37
C GLU B 211 2.87 33.33 -3.38
N LYS B 212 2.05 33.72 -4.36
CA LYS B 212 0.68 33.19 -4.37
C LYS B 212 0.75 31.68 -4.52
N VAL B 213 1.67 31.23 -5.38
CA VAL B 213 1.78 29.78 -5.54
C VAL B 213 2.24 29.16 -4.23
N ARG B 214 3.24 29.71 -3.57
CA ARG B 214 3.71 29.15 -2.31
C ARG B 214 2.55 29.06 -1.32
N ASN B 215 1.84 30.16 -1.15
CA ASN B 215 0.68 30.17 -0.26
C ASN B 215 -0.30 29.06 -0.63
N PHE B 216 -0.53 28.88 -1.92
CA PHE B 216 -1.50 27.90 -2.37
C PHE B 216 -1.06 26.48 -1.99
N LEU B 217 0.21 26.19 -2.27
CA LEU B 217 0.79 24.88 -2.00
C LEU B 217 0.75 24.59 -0.51
N ALA B 218 1.19 25.55 0.29
CA ALA B 218 1.12 25.41 1.74
C ALA B 218 -0.31 25.15 2.19
N SER B 219 -1.24 25.88 1.56
CA SER B 219 -2.65 25.74 1.90
C SER B 219 -3.16 24.32 1.74
N GLN B 220 -2.48 23.47 0.98
CA GLN B 220 -2.88 22.09 0.71
C GLN B 220 -2.41 21.10 1.77
N VAL B 221 -1.45 21.50 2.61
CA VAL B 221 -0.94 20.53 3.59
C VAL B 221 -1.85 20.55 4.81
N PRO B 222 -2.47 19.44 5.20
CA PRO B 222 -3.44 19.49 6.30
C PRO B 222 -2.85 20.03 7.59
N PHE B 223 -1.76 19.45 8.11
CA PHE B 223 -1.17 20.05 9.31
C PHE B 223 0.27 19.58 9.50
N PRO B 224 1.22 20.48 9.73
CA PRO B 224 1.01 21.93 9.74
C PRO B 224 0.82 22.48 8.33
N SER B 225 0.03 23.53 8.21
CA SER B 225 -0.37 24.00 6.88
C SER B 225 0.70 24.87 6.27
N ARG B 226 1.82 24.25 5.92
CA ARG B 226 2.95 24.95 5.32
C ARG B 226 3.86 23.95 4.61
N LEU B 227 4.73 24.47 3.77
CA LEU B 227 5.73 23.60 3.15
C LEU B 227 6.58 22.96 4.21
N GLY B 228 7.12 21.76 3.94
CA GLY B 228 7.99 21.17 4.94
C GLY B 228 9.32 21.91 5.02
N ASP B 229 9.93 21.97 6.20
CA ASP B 229 11.26 22.58 6.32
C ASP B 229 12.33 21.53 6.04
N PRO B 230 13.25 21.78 5.13
CA PRO B 230 14.31 20.82 4.80
C PRO B 230 14.99 20.24 6.03
N ALA B 231 15.08 21.01 7.10
CA ALA B 231 15.66 20.53 8.34
C ALA B 231 14.82 19.40 8.92
N GLU B 232 13.54 19.34 8.55
CA GLU B 232 12.70 18.25 9.04
C GLU B 232 13.03 16.96 8.30
N TYR B 233 13.34 17.06 7.01
CA TYR B 233 13.83 15.88 6.30
C TYR B 233 15.10 15.38 6.99
N ALA B 234 16.01 16.31 7.24
CA ALA B 234 17.29 15.99 7.87
C ALA B 234 17.09 15.28 9.21
N HIS B 235 16.21 15.80 10.05
CA HIS B 235 15.90 15.15 11.31
C HIS B 235 15.48 13.70 11.06
N LEU B 236 14.70 13.46 10.01
CA LEU B 236 14.24 12.09 9.76
C LEU B 236 15.41 11.21 9.30
N VAL B 237 16.31 11.75 8.48
CA VAL B 237 17.49 11.00 8.08
C VAL B 237 18.26 10.55 9.32
N GLN B 238 18.44 11.48 10.27
CA GLN B 238 19.14 11.13 11.49
C GLN B 238 18.45 10.04 12.28
N ALA B 239 17.12 10.12 12.38
CA ALA B 239 16.37 9.15 13.16
C ALA B 239 16.58 7.75 12.59
N ILE B 240 16.54 7.64 11.27
CA ILE B 240 16.75 6.37 10.57
C ILE B 240 18.18 5.88 10.76
N ILE B 241 19.15 6.78 10.70
CA ILE B 241 20.54 6.38 10.97
C ILE B 241 20.63 5.82 12.39
N GLU B 242 19.95 6.45 13.34
CA GLU B 242 20.13 6.09 14.73
C GLU B 242 19.32 4.85 15.13
N ASN B 243 18.19 4.59 14.47
CA ASN B 243 17.35 3.46 14.84
C ASN B 243 17.78 2.18 14.13
N PRO B 244 18.36 1.23 14.86
CA PRO B 244 18.92 0.04 14.21
C PRO B 244 17.89 -0.88 13.60
N PHE B 245 16.61 -0.74 13.93
CA PHE B 245 15.62 -1.72 13.46
C PHE B 245 14.79 -1.20 12.29
N LEU B 246 15.05 0.02 11.81
CA LEU B 246 14.35 0.51 10.62
C LEU B 246 15.03 0.02 9.35
N ASN B 247 14.32 -0.83 8.60
CA ASN B 247 14.92 -1.39 7.40
C ASN B 247 13.86 -1.82 6.40
N GLY B 248 14.14 -1.59 5.13
CA GLY B 248 13.29 -2.07 4.05
C GLY B 248 11.97 -1.35 3.94
N GLU B 249 11.90 -0.15 4.50
CA GLU B 249 10.62 0.57 4.59
C GLU B 249 10.70 1.93 3.92
N VAL B 250 9.53 2.45 3.57
CA VAL B 250 9.37 3.78 2.97
C VAL B 250 8.57 4.64 3.94
N ILE B 251 9.04 5.84 4.29
CA ILE B 251 8.33 6.67 5.26
C ILE B 251 7.84 7.97 4.65
N ARG B 252 6.53 8.20 4.69
CA ARG B 252 5.96 9.44 4.18
C ARG B 252 6.25 10.58 5.15
N LEU B 253 6.83 11.67 4.66
CA LEU B 253 7.10 12.85 5.51
C LEU B 253 6.41 14.03 4.85
N ASP B 254 5.17 14.32 5.23
CA ASP B 254 4.36 15.15 4.36
C ASP B 254 3.20 15.87 5.04
N GLY B 255 3.12 15.94 6.35
CA GLY B 255 2.04 16.69 6.99
C GLY B 255 0.64 16.18 6.65
N ALA B 256 0.55 14.91 6.30
CA ALA B 256 -0.66 14.16 6.06
C ALA B 256 -1.36 14.53 4.75
N ILE B 257 -0.67 15.19 3.84
CA ILE B 257 -1.26 15.52 2.54
C ILE B 257 -1.42 14.27 1.69
N ARG B 258 -2.40 14.30 0.81
CA ARG B 258 -2.58 13.34 -0.26
C ARG B 258 -2.75 14.17 -1.54
N MET B 259 -1.95 13.93 -2.56
CA MET B 259 -2.01 14.81 -3.74
C MET B 259 -3.22 14.56 -4.61
N GLN B 260 -3.87 15.64 -5.04
CA GLN B 260 -4.98 15.49 -6.00
C GLN B 260 -4.47 15.66 -7.41
N PRO B 261 -5.25 15.42 -8.46
CA PRO B 261 -4.71 15.51 -9.82
C PRO B 261 -4.04 16.85 -10.12
N SER C 7 13.02 18.83 21.76
CA SER C 7 13.27 18.02 22.95
C SER C 7 11.97 17.67 23.65
N VAL C 8 11.94 16.49 24.30
CA VAL C 8 10.70 16.05 24.93
C VAL C 8 10.65 16.51 26.38
N LYS C 9 11.72 17.17 26.82
CA LYS C 9 11.79 17.65 28.19
C LYS C 9 10.55 18.47 28.54
N GLY C 10 9.92 18.14 29.67
CA GLY C 10 8.74 18.85 30.10
C GLY C 10 7.43 18.40 29.50
N LEU C 11 7.44 17.60 28.43
CA LEU C 11 6.19 17.13 27.85
C LEU C 11 5.45 16.18 28.77
N VAL C 12 4.13 16.10 28.63
CA VAL C 12 3.32 15.15 29.37
C VAL C 12 2.74 14.10 28.42
N ALA C 13 3.06 12.83 28.69
CA ALA C 13 2.58 11.77 27.81
C ALA C 13 1.71 10.75 28.55
N VAL C 14 0.57 10.43 27.96
CA VAL C 14 -0.27 9.35 28.47
C VAL C 14 0.02 8.12 27.61
N ILE C 15 0.46 7.03 28.26
CA ILE C 15 0.88 5.82 27.56
C ILE C 15 0.01 4.64 27.95
N THR C 16 -0.85 4.19 27.02
CA THR C 16 -1.67 3.03 27.39
C THR C 16 -0.85 1.76 27.20
N GLY C 17 -1.12 0.75 28.04
CA GLY C 17 -0.27 -0.44 28.08
C GLY C 17 1.10 -0.07 28.65
N GLY C 18 1.14 0.98 29.47
CA GLY C 18 2.41 1.48 29.94
C GLY C 18 3.06 0.68 31.05
N ALA C 19 2.41 -0.37 31.55
CA ALA C 19 3.02 -1.16 32.62
C ALA C 19 3.93 -2.23 32.06
N SER C 20 3.95 -2.39 30.73
CA SER C 20 4.70 -3.55 30.21
C SER C 20 5.22 -3.28 28.81
N GLY C 21 6.15 -4.12 28.38
CA GLY C 21 6.68 -4.14 27.04
C GLY C 21 6.89 -2.82 26.36
N LEU C 22 6.33 -2.62 25.17
CA LEU C 22 6.63 -1.42 24.37
C LEU C 22 6.19 -0.13 25.05
N GLY C 23 5.02 -0.12 25.70
CA GLY C 23 4.58 1.05 26.43
C GLY C 23 5.51 1.43 27.58
N LEU C 24 5.97 0.43 28.32
CA LEU C 24 6.88 0.66 29.45
C LEU C 24 8.22 1.20 28.97
N ALA C 25 8.73 0.62 27.89
CA ALA C 25 10.00 1.07 27.32
C ALA C 25 9.90 2.51 26.83
N THR C 26 8.74 2.87 26.31
CA THR C 26 8.49 4.24 25.89
C THR C 26 8.50 5.17 27.10
N ALA C 27 7.77 4.80 28.15
CA ALA C 27 7.77 5.58 29.37
C ALA C 27 9.18 5.78 29.90
N GLU C 28 9.96 4.71 30.02
CA GLU C 28 11.34 4.81 30.47
C GLU C 28 12.14 5.84 29.70
N ARG C 29 12.15 5.73 28.36
CA ARG C 29 12.96 6.63 27.56
C ARG C 29 12.53 8.08 27.73
N LEU C 30 11.23 8.35 27.62
CA LEU C 30 10.74 9.72 27.69
C LEU C 30 11.00 10.33 29.06
N VAL C 31 10.70 9.57 30.11
CA VAL C 31 10.95 10.04 31.47
C VAL C 31 12.44 10.24 31.67
N GLY C 32 13.25 9.34 31.13
CA GLY C 32 14.70 9.49 31.21
C GLY C 32 15.19 10.77 30.56
N GLN C 33 14.38 11.33 29.67
CA GLN C 33 14.69 12.57 28.97
C GLN C 33 14.02 13.77 29.63
N GLY C 34 13.42 13.62 30.81
CA GLY C 34 12.83 14.77 31.48
C GLY C 34 11.38 15.04 31.15
N ALA C 35 10.69 14.08 30.52
CA ALA C 35 9.26 14.24 30.30
C ALA C 35 8.48 13.63 31.47
N SER C 36 7.16 13.84 31.50
CA SER C 36 6.39 13.17 32.55
C SER C 36 5.52 12.08 31.92
N ALA C 37 5.35 10.97 32.64
CA ALA C 37 4.57 9.89 32.03
C ALA C 37 3.39 9.49 32.92
N VAL C 38 2.29 9.17 32.24
CA VAL C 38 1.13 8.59 32.88
C VAL C 38 0.97 7.16 32.34
N LEU C 39 1.16 6.16 33.20
CA LEU C 39 1.00 4.79 32.74
C LEU C 39 -0.47 4.38 32.85
N LEU C 40 -1.18 4.39 31.72
CA LEU C 40 -2.58 3.94 31.74
C LEU C 40 -2.63 2.44 31.53
N ASP C 41 -2.93 1.66 32.57
CA ASP C 41 -2.96 0.21 32.36
C ASP C 41 -3.97 -0.44 33.29
N LEU C 42 -4.27 -1.73 33.09
CA LEU C 42 -5.28 -2.40 33.91
C LEU C 42 -4.87 -2.44 35.37
N PRO C 43 -5.82 -2.44 36.28
CA PRO C 43 -5.51 -2.55 37.70
C PRO C 43 -4.69 -3.80 38.00
N ASN C 44 -4.90 -4.88 37.26
CA ASN C 44 -4.18 -6.11 37.55
C ASN C 44 -2.73 -6.08 37.09
N SER C 45 -2.37 -5.11 36.25
CA SER C 45 -0.98 -5.10 35.78
C SER C 45 -0.07 -4.66 36.91
N GLY C 46 1.23 -4.54 36.70
CA GLY C 46 2.09 -3.94 37.71
C GLY C 46 2.39 -2.49 37.39
N GLY C 47 1.39 -1.76 36.92
CA GLY C 47 1.66 -0.37 36.57
C GLY C 47 2.13 0.44 37.77
N GLU C 48 1.52 0.17 38.93
CA GLU C 48 1.80 0.93 40.13
C GLU C 48 3.26 0.81 40.52
N ALA C 49 3.76 -0.41 40.52
CA ALA C 49 5.18 -0.65 40.75
C ALA C 49 6.05 -0.03 39.67
N GLN C 50 5.62 -0.06 38.41
CA GLN C 50 6.51 0.47 37.37
C GLN C 50 6.63 1.99 37.54
N ALA C 51 5.51 2.66 37.77
CA ALA C 51 5.49 4.10 37.99
C ALA C 51 6.34 4.46 39.21
N LYS C 52 6.25 3.64 40.25
CA LYS C 52 7.09 3.81 41.43
C LYS C 52 8.56 3.70 41.07
N LYS C 53 8.92 2.72 40.24
CA LYS C 53 10.33 2.66 39.82
C LYS C 53 10.70 3.84 38.93
N LEU C 54 9.76 4.41 38.16
CA LEU C 54 10.23 5.44 37.22
C LEU C 54 10.31 6.83 37.83
N GLY C 55 9.86 7.01 39.07
CA GLY C 55 10.07 8.27 39.74
C GLY C 55 8.88 9.19 39.80
N ASN C 56 9.13 10.35 40.40
CA ASN C 56 8.15 11.40 40.66
C ASN C 56 7.59 12.00 39.38
N ASN C 57 8.26 11.84 38.24
CA ASN C 57 7.66 12.31 37.00
C ASN C 57 6.84 11.22 36.32
N CYS C 58 6.52 10.16 37.05
CA CYS C 58 5.73 9.09 36.44
C CYS C 58 4.65 8.62 37.40
N VAL C 59 3.40 8.58 36.92
CA VAL C 59 2.33 8.07 37.77
C VAL C 59 1.52 7.02 37.01
N PHE C 60 0.91 6.13 37.79
CA PHE C 60 0.05 5.07 37.29
C PHE C 60 -1.42 5.47 37.36
N ALA C 61 -2.15 5.34 36.25
CA ALA C 61 -3.59 5.57 36.30
C ALA C 61 -4.31 4.29 35.89
N PRO C 62 -4.83 3.53 36.84
CA PRO C 62 -5.46 2.25 36.52
C PRO C 62 -6.66 2.45 35.60
N ALA C 63 -6.68 1.73 34.48
CA ALA C 63 -7.82 1.93 33.58
C ALA C 63 -7.87 0.87 32.49
N ASP C 64 -9.09 0.55 32.08
CA ASP C 64 -9.39 -0.27 30.93
C ASP C 64 -9.69 0.65 29.75
N VAL C 65 -8.97 0.50 28.64
CA VAL C 65 -9.14 1.38 27.50
C VAL C 65 -10.48 1.20 26.80
N THR C 66 -11.20 0.12 27.07
CA THR C 66 -12.51 -0.06 26.42
C THR C 66 -13.62 0.66 27.17
N SER C 67 -13.30 1.28 28.29
CA SER C 67 -14.31 1.93 29.12
C SER C 67 -14.18 3.45 29.08
N GLU C 68 -15.26 4.12 28.71
CA GLU C 68 -15.29 5.57 28.65
C GLU C 68 -14.91 6.19 30.00
N LYS C 69 -15.59 5.71 31.04
CA LYS C 69 -15.41 6.21 32.38
C LYS C 69 -13.97 6.05 32.88
N ASP C 70 -13.37 4.91 32.63
CA ASP C 70 -12.01 4.67 33.09
C ASP C 70 -11.02 5.63 32.44
N VAL C 71 -11.17 5.85 31.14
CA VAL C 71 -10.18 6.69 30.44
C VAL C 71 -10.38 8.13 30.88
N GLN C 72 -11.64 8.49 31.14
CA GLN C 72 -11.96 9.82 31.65
C GLN C 72 -11.27 10.04 32.99
N THR C 73 -11.34 9.02 33.85
CA THR C 73 -10.68 9.07 35.15
C THR C 73 -9.18 9.23 35.01
N ALA C 74 -8.56 8.37 34.20
CA ALA C 74 -7.12 8.48 34.02
C ALA C 74 -6.73 9.81 33.38
N LEU C 75 -7.52 10.31 32.43
CA LEU C 75 -7.17 11.59 31.81
C LEU C 75 -7.30 12.72 32.81
N ALA C 76 -8.32 12.68 33.66
CA ALA C 76 -8.52 13.66 34.72
C ALA C 76 -7.33 13.63 35.67
N LEU C 77 -6.90 12.41 36.01
CA LEU C 77 -5.72 12.25 36.87
C LEU C 77 -4.51 12.92 36.23
N ALA C 78 -4.30 12.64 34.94
CA ALA C 78 -3.13 13.18 34.26
C ALA C 78 -3.16 14.71 34.29
N LYS C 79 -4.33 15.27 34.02
CA LYS C 79 -4.48 16.72 34.04
C LYS C 79 -4.15 17.24 35.44
N GLY C 80 -4.76 16.61 36.43
CA GLY C 80 -4.60 16.98 37.82
C GLY C 80 -3.17 16.92 38.31
N LYS C 81 -2.41 15.93 37.88
CA LYS C 81 -1.05 15.81 38.37
C LYS C 81 -0.06 16.63 37.56
N PHE C 82 -0.23 16.67 36.24
CA PHE C 82 0.81 17.26 35.40
C PHE C 82 0.32 18.46 34.60
N GLY C 83 -0.93 18.85 34.80
CA GLY C 83 -1.48 20.06 34.25
C GLY C 83 -2.02 19.97 32.84
N ARG C 84 -1.42 19.13 31.99
CA ARG C 84 -1.83 19.03 30.60
C ARG C 84 -1.39 17.69 30.00
N VAL C 85 -1.91 17.40 28.81
CA VAL C 85 -1.47 16.20 28.07
C VAL C 85 -0.94 16.64 26.70
N ASP C 86 0.35 16.37 26.47
CA ASP C 86 0.97 16.79 25.23
C ASP C 86 1.03 15.66 24.21
N VAL C 87 1.10 14.44 24.72
CA VAL C 87 1.34 13.26 23.90
C VAL C 87 0.51 12.08 24.40
N ALA C 88 -0.02 11.32 23.45
CA ALA C 88 -0.72 10.08 23.79
C ALA C 88 -0.12 8.95 22.95
N VAL C 89 0.20 7.84 23.60
CA VAL C 89 0.74 6.68 22.90
C VAL C 89 -0.13 5.46 23.16
N ASN C 90 -0.81 4.95 22.14
CA ASN C 90 -1.64 3.76 22.32
C ASN C 90 -0.80 2.48 22.23
N CYS C 91 -0.49 1.89 23.38
CA CYS C 91 0.21 0.60 23.36
C CYS C 91 -0.65 -0.53 23.92
N ALA C 92 -1.73 -0.23 24.63
CA ALA C 92 -2.57 -1.31 25.16
C ALA C 92 -3.03 -2.26 24.04
N GLY C 93 -2.81 -3.56 24.22
CA GLY C 93 -3.24 -4.50 23.20
C GLY C 93 -3.11 -5.95 23.61
N ILE C 94 -3.84 -6.82 22.92
CA ILE C 94 -3.82 -8.25 23.20
C ILE C 94 -3.76 -9.02 21.88
N ALA C 95 -3.38 -10.29 21.93
CA ALA C 95 -3.23 -11.14 20.77
C ALA C 95 -3.97 -12.45 20.93
N VAL C 96 -4.39 -13.07 19.83
CA VAL C 96 -4.87 -14.43 19.87
C VAL C 96 -4.44 -15.14 18.58
N ALA C 97 -4.24 -16.45 18.65
CA ALA C 97 -4.01 -17.20 17.42
C ALA C 97 -5.18 -18.18 17.26
N SER C 98 -5.90 -18.07 16.17
CA SER C 98 -7.05 -18.97 15.96
C SER C 98 -7.46 -18.92 14.50
N LYS C 99 -7.43 -20.08 13.84
CA LYS C 99 -7.83 -20.19 12.45
C LYS C 99 -9.30 -19.82 12.23
N THR C 100 -9.59 -19.19 11.10
CA THR C 100 -10.97 -18.85 10.75
C THR C 100 -11.87 -20.08 10.79
N TYR C 101 -11.38 -21.14 10.17
CA TYR C 101 -12.02 -22.45 10.14
C TYR C 101 -10.97 -23.55 9.98
N ASN C 102 -11.10 -24.63 10.74
CA ASN C 102 -10.19 -25.78 10.62
C ASN C 102 -10.96 -27.01 10.15
N LEU C 103 -10.79 -27.42 8.90
CA LEU C 103 -11.57 -28.54 8.38
C LEU C 103 -11.22 -29.84 9.11
N LYS C 104 -9.94 -30.18 9.13
CA LYS C 104 -9.46 -31.40 9.78
C LYS C 104 -10.01 -31.53 11.20
N LYS C 105 -10.05 -30.43 11.94
CA LYS C 105 -10.52 -30.44 13.31
C LYS C 105 -12.00 -30.13 13.39
N GLY C 106 -12.59 -29.72 12.27
CA GLY C 106 -13.99 -29.27 12.29
C GLY C 106 -14.19 -28.20 13.34
N GLN C 107 -13.28 -27.22 13.40
CA GLN C 107 -13.40 -26.18 14.43
C GLN C 107 -13.47 -24.80 13.80
N THR C 108 -14.35 -23.98 14.37
CA THR C 108 -14.64 -22.64 13.91
C THR C 108 -14.13 -21.58 14.89
N HIS C 109 -13.45 -20.56 14.37
CA HIS C 109 -13.07 -19.39 15.18
C HIS C 109 -14.29 -18.90 15.93
N THR C 110 -14.18 -18.67 17.24
CA THR C 110 -15.39 -18.23 17.92
C THR C 110 -15.63 -16.75 17.69
N LEU C 111 -16.90 -16.37 17.74
CA LEU C 111 -17.24 -14.96 17.59
C LEU C 111 -16.63 -14.13 18.71
N GLU C 112 -16.72 -14.58 19.95
CA GLU C 112 -16.23 -13.70 21.02
C GLU C 112 -14.71 -13.52 21.00
N ASP C 113 -13.96 -14.49 20.47
CA ASP C 113 -12.51 -14.29 20.33
C ASP C 113 -12.24 -13.16 19.34
N PHE C 114 -13.05 -13.08 18.28
CA PHE C 114 -12.90 -11.99 17.32
C PHE C 114 -13.32 -10.67 17.94
N GLN C 115 -14.42 -10.67 18.68
CA GLN C 115 -14.97 -9.50 19.33
C GLN C 115 -14.06 -8.93 20.41
N ARG C 116 -13.50 -9.78 21.25
CA ARG C 116 -12.65 -9.30 22.35
C ARG C 116 -11.36 -8.67 21.85
N VAL C 117 -10.82 -9.19 20.75
CA VAL C 117 -9.61 -8.60 20.19
C VAL C 117 -9.92 -7.27 19.53
N LEU C 118 -11.06 -7.16 18.85
CA LEU C 118 -11.50 -5.92 18.23
C LEU C 118 -11.72 -4.81 19.28
N ASP C 119 -12.40 -5.18 20.36
CA ASP C 119 -12.72 -4.27 21.45
C ASP C 119 -11.47 -3.66 22.08
N VAL C 120 -10.51 -4.50 22.49
CA VAL C 120 -9.35 -3.91 23.18
C VAL C 120 -8.45 -3.17 22.21
N ASN C 121 -8.10 -3.77 21.07
CA ASN C 121 -7.05 -3.21 20.23
C ASN C 121 -7.52 -2.01 19.39
N LEU C 122 -8.74 -2.11 18.86
CA LEU C 122 -9.22 -1.11 17.92
C LEU C 122 -10.15 -0.12 18.59
N MET C 123 -11.23 -0.61 19.17
CA MET C 123 -12.18 0.24 19.87
C MET C 123 -11.51 0.89 21.08
N GLY C 124 -10.71 0.15 21.81
CA GLY C 124 -9.96 0.68 22.94
C GLY C 124 -9.04 1.80 22.53
N THR C 125 -8.30 1.62 21.45
CA THR C 125 -7.44 2.70 20.96
C THR C 125 -8.28 3.89 20.52
N PHE C 126 -9.34 3.70 19.76
CA PHE C 126 -10.17 4.84 19.37
C PHE C 126 -10.77 5.54 20.58
N ASN C 127 -11.14 4.79 21.63
CA ASN C 127 -11.72 5.39 22.82
C ASN C 127 -10.75 6.41 23.44
N VAL C 128 -9.49 6.03 23.56
CA VAL C 128 -8.48 6.94 24.09
C VAL C 128 -8.25 8.13 23.16
N ILE C 129 -8.25 7.86 21.86
CA ILE C 129 -8.03 8.93 20.89
C ILE C 129 -9.07 10.02 20.96
N ARG C 130 -10.35 9.65 20.94
CA ARG C 130 -11.42 10.63 20.90
C ARG C 130 -11.48 11.44 22.19
N LEU C 131 -11.18 10.78 23.31
CA LEU C 131 -11.19 11.46 24.60
C LEU C 131 -9.94 12.32 24.79
N VAL C 132 -8.77 11.78 24.46
CA VAL C 132 -7.56 12.58 24.66
C VAL C 132 -7.53 13.76 23.66
N ALA C 133 -8.16 13.61 22.50
CA ALA C 133 -8.20 14.71 21.54
C ALA C 133 -8.96 15.90 22.12
N GLY C 134 -10.04 15.66 22.85
CA GLY C 134 -10.74 16.72 23.56
C GLY C 134 -9.86 17.37 24.61
N GLU C 135 -8.97 16.59 25.23
CA GLU C 135 -8.07 17.22 26.21
C GLU C 135 -6.99 18.04 25.50
N MET C 136 -6.44 17.51 24.42
CA MET C 136 -5.42 18.28 23.72
C MET C 136 -6.06 19.51 23.07
N GLY C 137 -7.36 19.46 22.85
CA GLY C 137 -8.04 20.60 22.24
C GLY C 137 -7.94 21.84 23.13
N GLN C 138 -7.80 21.62 24.43
CA GLN C 138 -7.75 22.72 25.39
C GLN C 138 -6.36 23.32 25.49
N ASN C 139 -5.36 22.75 24.82
CA ASN C 139 -4.02 23.31 24.94
C ASN C 139 -3.90 24.52 24.02
N GLU C 140 -3.09 25.50 24.43
CA GLU C 140 -2.76 26.59 23.50
C GLU C 140 -1.79 26.04 22.46
N PRO C 141 -2.01 26.34 21.18
CA PRO C 141 -1.10 25.84 20.15
C PRO C 141 0.28 26.47 20.29
N ASP C 142 1.33 25.67 20.08
CA ASP C 142 2.67 26.25 20.15
C ASP C 142 2.88 27.18 18.96
N GLN C 143 4.13 27.61 18.80
CA GLN C 143 4.50 28.54 17.74
C GLN C 143 4.28 27.93 16.36
N GLY C 144 4.22 26.60 16.30
CA GLY C 144 4.02 25.91 15.04
C GLY C 144 2.55 25.55 14.81
N GLY C 145 1.69 25.99 15.74
CA GLY C 145 0.27 25.72 15.62
C GLY C 145 -0.11 24.42 16.28
N GLN C 146 0.83 23.72 16.91
CA GLN C 146 0.54 22.38 17.43
C GLN C 146 0.00 22.38 18.85
N ARG C 147 -1.02 21.56 19.08
CA ARG C 147 -1.60 21.35 20.39
C ARG C 147 -1.34 19.94 20.92
N GLY C 148 -0.96 18.97 20.09
CA GLY C 148 -0.75 17.63 20.62
C GLY C 148 -0.31 16.63 19.58
N VAL C 149 0.14 15.46 20.03
CA VAL C 149 0.60 14.39 19.16
C VAL C 149 0.03 13.04 19.62
N ILE C 150 -0.59 12.33 18.70
CA ILE C 150 -1.16 11.01 19.05
C ILE C 150 -0.49 9.94 18.19
N ILE C 151 -0.01 8.90 18.85
CA ILE C 151 0.71 7.79 18.23
C ILE C 151 0.02 6.47 18.58
N ASN C 152 -0.30 5.67 17.59
CA ASN C 152 -0.98 4.39 17.84
C ASN C 152 -0.08 3.21 17.47
N THR C 153 -0.41 2.03 18.00
CA THR C 153 0.37 0.85 17.63
C THR C 153 -0.46 -0.13 16.82
N ALA C 154 -0.07 -0.31 15.56
CA ALA C 154 -0.68 -1.36 14.74
C ALA C 154 0.21 -2.59 14.79
N SER C 155 0.58 -3.13 13.65
CA SER C 155 1.38 -4.34 13.52
C SER C 155 1.60 -4.66 12.05
N VAL C 156 2.70 -5.34 11.67
CA VAL C 156 2.79 -5.74 10.27
C VAL C 156 1.70 -6.75 9.89
N ALA C 157 1.05 -7.35 10.87
CA ALA C 157 -0.09 -8.23 10.67
C ALA C 157 -1.26 -7.52 9.99
N ALA C 158 -1.24 -6.18 10.01
CA ALA C 158 -2.20 -5.38 9.28
C ALA C 158 -2.00 -5.55 7.78
N PHE C 159 -0.78 -5.94 7.39
CA PHE C 159 -0.49 -6.06 5.97
C PHE C 159 -0.21 -7.51 5.54
N GLU C 160 0.41 -8.32 6.39
CA GLU C 160 0.74 -9.71 6.08
C GLU C 160 0.28 -10.62 7.22
N GLY C 161 -0.97 -10.56 7.61
CA GLY C 161 -1.43 -11.39 8.73
C GLY C 161 -1.16 -12.86 8.39
N GLN C 162 -0.68 -13.61 9.36
CA GLN C 162 -0.34 -15.02 9.18
C GLN C 162 -1.52 -15.92 9.48
N VAL C 163 -1.39 -17.21 9.16
CA VAL C 163 -2.43 -18.17 9.54
C VAL C 163 -2.69 -18.06 11.04
N GLY C 164 -3.95 -17.94 11.43
CA GLY C 164 -4.30 -17.80 12.82
C GLY C 164 -4.49 -16.37 13.28
N GLN C 165 -4.18 -15.41 12.41
CA GLN C 165 -4.16 -14.01 12.77
C GLN C 165 -5.32 -13.18 12.26
N ALA C 166 -6.41 -13.77 11.81
CA ALA C 166 -7.54 -13.00 11.30
C ALA C 166 -8.04 -11.93 12.27
N ALA C 167 -8.29 -12.25 13.53
CA ALA C 167 -8.82 -11.23 14.44
C ALA C 167 -7.81 -10.14 14.70
N TYR C 168 -6.57 -10.53 14.99
CA TYR C 168 -5.52 -9.54 15.24
C TYR C 168 -5.37 -8.64 14.03
N SER C 169 -5.35 -9.25 12.85
CA SER C 169 -5.18 -8.49 11.61
C SER C 169 -6.32 -7.49 11.41
N ALA C 170 -7.54 -7.90 11.74
CA ALA C 170 -8.68 -7.00 11.55
C ALA C 170 -8.52 -5.78 12.45
N SER C 171 -8.16 -6.06 13.71
CA SER C 171 -8.05 -4.97 14.68
C SER C 171 -6.92 -4.02 14.28
N LYS C 172 -5.79 -4.56 13.82
CA LYS C 172 -4.65 -3.70 13.51
C LYS C 172 -4.82 -3.05 12.14
N GLY C 173 -5.52 -3.73 11.23
CA GLY C 173 -5.86 -3.11 9.95
C GLY C 173 -6.81 -1.95 10.19
N GLY C 174 -7.63 -2.05 11.23
CA GLY C 174 -8.57 -0.98 11.56
C GLY C 174 -7.80 0.25 12.03
N ILE C 175 -6.75 0.02 12.79
CA ILE C 175 -5.90 1.12 13.26
C ILE C 175 -5.26 1.85 12.08
N VAL C 176 -4.71 1.07 11.16
CA VAL C 176 -4.07 1.65 9.98
C VAL C 176 -5.07 2.46 9.19
N GLY C 177 -6.24 1.87 8.92
CA GLY C 177 -7.24 2.55 8.14
C GLY C 177 -7.77 3.81 8.77
N MET C 178 -7.80 3.94 10.09
CA MET C 178 -8.41 5.14 10.64
C MET C 178 -7.36 6.21 10.93
N THR C 179 -6.09 5.90 10.67
CA THR C 179 -5.04 6.88 10.97
C THR C 179 -5.21 8.14 10.14
N LEU C 180 -5.34 8.05 8.81
CA LEU C 180 -5.47 9.26 8.00
C LEU C 180 -6.74 10.05 8.30
N PRO C 181 -7.92 9.46 8.30
CA PRO C 181 -9.14 10.22 8.63
C PRO C 181 -9.05 10.92 9.98
N ILE C 182 -8.46 10.28 10.98
CA ILE C 182 -8.38 10.98 12.28
C ILE C 182 -7.36 12.10 12.19
N ALA C 183 -6.27 11.93 11.45
CA ALA C 183 -5.37 13.05 11.19
C ALA C 183 -6.13 14.16 10.48
N ARG C 184 -6.98 13.80 9.51
CA ARG C 184 -7.73 14.85 8.82
C ARG C 184 -8.69 15.54 9.78
N ASP C 185 -9.39 14.77 10.61
CA ASP C 185 -10.31 15.36 11.57
C ASP C 185 -9.64 16.45 12.41
N LEU C 186 -8.48 16.12 12.96
CA LEU C 186 -7.83 16.94 13.97
C LEU C 186 -6.86 17.96 13.40
N ALA C 187 -6.67 17.92 12.10
CA ALA C 187 -5.73 18.85 11.45
C ALA C 187 -6.04 20.30 11.75
N PRO C 188 -7.27 20.80 11.71
CA PRO C 188 -7.52 22.21 12.03
C PRO C 188 -7.25 22.56 13.48
N ILE C 189 -7.11 21.57 14.37
CA ILE C 189 -6.77 22.00 15.74
C ILE C 189 -5.35 21.62 16.12
N GLY C 190 -4.55 21.28 15.11
CA GLY C 190 -3.13 21.05 15.30
C GLY C 190 -2.76 19.85 16.12
N ILE C 191 -3.48 18.74 15.96
CA ILE C 191 -3.04 17.52 16.62
C ILE C 191 -2.61 16.49 15.58
N ARG C 192 -1.34 16.09 15.60
CA ARG C 192 -0.84 15.13 14.62
C ARG C 192 -1.24 13.71 15.03
N VAL C 193 -1.45 12.84 14.05
CA VAL C 193 -1.81 11.44 14.35
C VAL C 193 -0.95 10.50 13.50
N MET C 194 -0.18 9.65 14.18
CA MET C 194 0.77 8.76 13.52
C MET C 194 0.66 7.33 14.02
N THR C 195 1.08 6.37 13.20
CA THR C 195 0.99 4.97 13.67
C THR C 195 2.29 4.23 13.41
N ILE C 196 2.68 3.39 14.37
CA ILE C 196 3.85 2.54 14.18
C ILE C 196 3.37 1.09 14.04
N ALA C 197 3.91 0.36 13.05
CA ALA C 197 3.59 -1.05 12.89
C ALA C 197 4.82 -1.89 13.23
N PRO C 198 4.93 -2.36 14.46
CA PRO C 198 6.09 -3.18 14.81
C PRO C 198 6.04 -4.55 14.12
N GLY C 199 7.18 -5.14 13.83
CA GLY C 199 7.20 -6.52 13.33
C GLY C 199 7.18 -7.47 14.51
N LEU C 200 8.34 -7.93 14.96
CA LEU C 200 8.45 -8.83 16.10
C LEU C 200 9.35 -8.25 17.18
N PHE C 201 8.84 -8.05 18.38
CA PHE C 201 9.62 -7.44 19.44
C PHE C 201 9.64 -8.29 20.70
N GLY C 202 10.77 -8.28 21.43
CA GLY C 202 10.92 -9.06 22.62
C GLY C 202 10.21 -8.49 23.83
N THR C 203 8.92 -8.74 23.93
CA THR C 203 8.11 -8.28 25.05
C THR C 203 7.36 -9.46 25.64
N PRO C 204 6.75 -9.33 26.82
CA PRO C 204 5.94 -10.42 27.39
C PRO C 204 4.77 -10.86 26.50
N LEU C 205 4.43 -10.10 25.46
CA LEU C 205 3.35 -10.50 24.57
C LEU C 205 3.67 -11.87 23.98
N LEU C 206 4.95 -12.06 23.65
CA LEU C 206 5.42 -13.27 22.99
C LEU C 206 5.80 -14.39 23.95
N THR C 207 5.68 -14.16 25.27
CA THR C 207 6.15 -15.19 26.20
C THR C 207 5.33 -16.47 26.09
N SER C 208 4.09 -16.35 25.63
CA SER C 208 3.10 -17.40 25.56
C SER C 208 3.42 -18.45 24.51
N LEU C 209 4.52 -18.28 23.76
CA LEU C 209 4.77 -19.23 22.68
C LEU C 209 6.03 -20.04 22.94
N PRO C 210 6.03 -21.24 22.36
CA PRO C 210 7.16 -22.17 22.45
C PRO C 210 8.46 -21.48 22.07
N GLU C 211 9.51 -21.70 22.85
CA GLU C 211 10.82 -21.12 22.53
C GLU C 211 11.20 -21.42 21.09
N LYS C 212 10.98 -22.65 20.64
CA LYS C 212 11.26 -22.94 19.24
C LYS C 212 10.40 -22.06 18.33
N VAL C 213 9.24 -21.63 18.83
CA VAL C 213 8.39 -20.78 18.00
C VAL C 213 8.98 -19.37 17.87
N ARG C 214 9.18 -18.71 19.00
CA ARG C 214 9.82 -17.41 19.04
C ARG C 214 11.11 -17.39 18.22
N ASN C 215 12.04 -18.26 18.59
CA ASN C 215 13.38 -18.27 17.97
C ASN C 215 13.26 -18.38 16.46
N PHE C 216 12.38 -19.27 16.00
CA PHE C 216 12.15 -19.41 14.56
C PHE C 216 11.78 -18.05 13.96
N LEU C 217 10.69 -17.47 14.46
CA LEU C 217 10.23 -16.14 14.09
C LEU C 217 11.43 -15.18 14.07
N ALA C 218 12.15 -15.16 15.18
CA ALA C 218 13.36 -14.36 15.31
C ALA C 218 14.30 -14.56 14.13
N SER C 219 14.51 -15.81 13.73
CA SER C 219 15.48 -16.09 12.67
C SER C 219 15.05 -15.58 11.30
N GLN C 220 13.80 -15.16 11.16
CA GLN C 220 13.26 -14.69 9.90
C GLN C 220 13.54 -13.21 9.61
N VAL C 221 13.92 -12.42 10.61
CA VAL C 221 14.14 -11.00 10.36
C VAL C 221 15.36 -10.80 9.49
N PRO C 222 15.23 -10.21 8.30
CA PRO C 222 16.41 -10.07 7.42
C PRO C 222 17.59 -9.37 8.08
N PHE C 223 17.46 -8.17 8.64
CA PHE C 223 18.59 -7.54 9.29
C PHE C 223 18.15 -6.33 10.10
N PRO C 224 18.50 -6.24 11.37
CA PRO C 224 19.30 -7.25 12.08
C PRO C 224 18.48 -8.47 12.44
N SER C 225 19.10 -9.64 12.37
CA SER C 225 18.43 -10.91 12.53
C SER C 225 18.14 -11.23 13.99
N ARG C 226 17.13 -10.56 14.53
CA ARG C 226 16.77 -10.74 15.94
C ARG C 226 15.42 -10.10 16.20
N LEU C 227 14.85 -10.38 17.37
CA LEU C 227 13.65 -9.62 17.76
C LEU C 227 14.05 -8.15 17.93
N GLY C 228 13.10 -7.24 17.66
CA GLY C 228 13.38 -5.83 17.93
C GLY C 228 13.47 -5.59 19.43
N ASP C 229 14.26 -4.59 19.82
CA ASP C 229 14.38 -4.21 21.22
C ASP C 229 13.33 -3.15 21.55
N PRO C 230 12.54 -3.32 22.59
CA PRO C 230 11.49 -2.35 22.92
C PRO C 230 12.02 -0.92 22.94
N ALA C 231 13.28 -0.74 23.33
CA ALA C 231 13.88 0.59 23.33
C ALA C 231 13.92 1.17 21.91
N GLU C 232 13.98 0.30 20.91
CA GLU C 232 13.99 0.75 19.51
C GLU C 232 12.61 1.26 19.12
N TYR C 233 11.56 0.65 19.69
CA TYR C 233 10.22 1.20 19.49
C TYR C 233 10.16 2.58 20.15
N ALA C 234 10.61 2.68 21.40
CA ALA C 234 10.58 3.95 22.13
C ALA C 234 11.30 5.03 21.34
N HIS C 235 12.44 4.67 20.77
CA HIS C 235 13.23 5.64 20.01
C HIS C 235 12.41 6.21 18.86
N LEU C 236 11.65 5.35 18.17
CA LEU C 236 10.85 5.82 17.04
C LEU C 236 9.70 6.71 17.51
N VAL C 237 9.16 6.46 18.68
CA VAL C 237 8.13 7.29 19.28
C VAL C 237 8.65 8.71 19.50
N GLN C 238 9.85 8.81 20.06
CA GLN C 238 10.45 10.12 20.32
C GLN C 238 10.71 10.87 19.02
N ALA C 239 11.25 10.16 18.03
CA ALA C 239 11.47 10.71 16.70
C ALA C 239 10.20 11.35 16.15
N ILE C 240 9.08 10.64 16.36
CA ILE C 240 7.81 11.13 15.82
C ILE C 240 7.35 12.34 16.60
N ILE C 241 7.44 12.26 17.92
CA ILE C 241 7.10 13.41 18.77
C ILE C 241 7.90 14.63 18.36
N GLU C 242 9.19 14.46 18.07
CA GLU C 242 10.05 15.61 17.79
C GLU C 242 9.84 16.21 16.42
N ASN C 243 9.49 15.39 15.43
CA ASN C 243 9.41 15.85 14.05
C ASN C 243 8.04 16.39 13.68
N PRO C 244 7.95 17.71 13.54
CA PRO C 244 6.67 18.40 13.35
C PRO C 244 5.98 18.11 12.01
N PHE C 245 6.66 17.51 11.05
CA PHE C 245 6.01 17.30 9.75
C PHE C 245 5.55 15.86 9.57
N LEU C 246 5.71 15.03 10.59
CA LEU C 246 5.25 13.63 10.49
C LEU C 246 3.79 13.51 10.88
N ASN C 247 2.94 13.20 9.90
CA ASN C 247 1.51 13.15 10.19
C ASN C 247 0.75 12.24 9.22
N GLY C 248 -0.25 11.53 9.73
CA GLY C 248 -1.14 10.73 8.92
C GLY C 248 -0.50 9.49 8.36
N GLU C 249 0.60 9.00 8.94
CA GLU C 249 1.35 7.92 8.30
C GLU C 249 1.54 6.72 9.22
N VAL C 250 1.75 5.56 8.62
CA VAL C 250 2.09 4.31 9.29
C VAL C 250 3.54 3.95 9.00
N ILE C 251 4.32 3.62 10.01
CA ILE C 251 5.74 3.30 9.79
C ILE C 251 6.05 1.89 10.23
N ARG C 252 6.55 1.06 9.32
CA ARG C 252 6.95 -0.29 9.71
C ARG C 252 8.27 -0.25 10.49
N LEU C 253 8.29 -0.88 11.66
CA LEU C 253 9.52 -1.02 12.44
C LEU C 253 9.78 -2.51 12.63
N ASP C 254 10.55 -3.13 11.72
CA ASP C 254 10.49 -4.57 11.64
C ASP C 254 11.69 -5.24 11.02
N GLY C 255 12.84 -4.57 10.87
CA GLY C 255 14.03 -5.26 10.38
C GLY C 255 13.89 -5.77 8.96
N ALA C 256 12.87 -5.29 8.25
CA ALA C 256 12.62 -5.57 6.85
C ALA C 256 11.94 -6.91 6.66
N ILE C 257 11.40 -7.49 7.72
CA ILE C 257 10.71 -8.76 7.59
C ILE C 257 9.39 -8.58 6.84
N ARG C 258 8.99 -9.63 6.11
CA ARG C 258 7.65 -9.76 5.53
C ARG C 258 7.11 -11.11 5.99
N MET C 259 5.97 -11.13 6.68
CA MET C 259 5.55 -12.39 7.30
C MET C 259 4.93 -13.36 6.32
N GLN C 260 5.39 -14.60 6.38
CA GLN C 260 4.86 -15.70 5.57
C GLN C 260 3.63 -16.32 6.23
N PRO C 261 2.87 -17.16 5.56
CA PRO C 261 1.68 -17.76 6.18
C PRO C 261 1.99 -18.43 7.52
N SER D 7 -18.13 -20.04 -15.85
CA SER D 7 -19.51 -19.59 -15.73
C SER D 7 -19.99 -19.68 -14.29
N VAL D 8 -20.95 -18.85 -13.91
CA VAL D 8 -21.50 -18.96 -12.56
C VAL D 8 -22.75 -19.83 -12.57
N LYS D 9 -23.12 -20.32 -13.76
CA LYS D 9 -24.35 -21.12 -13.85
C LYS D 9 -24.27 -22.32 -12.92
N GLY D 10 -25.28 -22.50 -12.07
CA GLY D 10 -25.31 -23.62 -11.15
C GLY D 10 -24.68 -23.36 -9.80
N LEU D 11 -23.92 -22.27 -9.63
CA LEU D 11 -23.36 -22.01 -8.30
C LEU D 11 -24.44 -21.47 -7.37
N VAL D 12 -24.28 -21.74 -6.08
CA VAL D 12 -25.13 -21.20 -5.03
C VAL D 12 -24.40 -20.11 -4.25
N ALA D 13 -24.92 -18.88 -4.29
CA ALA D 13 -24.30 -17.73 -3.65
C ALA D 13 -25.11 -17.16 -2.51
N VAL D 14 -24.47 -16.96 -1.36
CA VAL D 14 -25.11 -16.28 -0.24
C VAL D 14 -24.66 -14.82 -0.28
N ILE D 15 -25.61 -13.91 -0.37
CA ILE D 15 -25.31 -12.48 -0.54
C ILE D 15 -25.86 -11.65 0.60
N THR D 16 -24.99 -11.22 1.51
CA THR D 16 -25.48 -10.39 2.61
C THR D 16 -25.73 -8.98 2.09
N GLY D 17 -26.69 -8.29 2.70
CA GLY D 17 -27.11 -6.99 2.20
C GLY D 17 -27.77 -7.18 0.84
N GLY D 18 -28.31 -8.38 0.60
CA GLY D 18 -28.90 -8.72 -0.67
C GLY D 18 -30.17 -7.99 -1.03
N ALA D 19 -30.83 -7.32 -0.07
CA ALA D 19 -32.09 -6.66 -0.39
C ALA D 19 -31.90 -5.34 -1.13
N SER D 20 -30.68 -4.81 -1.18
CA SER D 20 -30.53 -3.45 -1.70
C SER D 20 -29.17 -3.23 -2.36
N GLY D 21 -29.07 -2.13 -3.10
CA GLY D 21 -27.87 -1.64 -3.73
C GLY D 21 -26.95 -2.67 -4.34
N LEU D 22 -25.69 -2.69 -3.90
CA LEU D 22 -24.69 -3.56 -4.51
C LEU D 22 -25.03 -5.03 -4.34
N GLY D 23 -25.47 -5.43 -3.15
CA GLY D 23 -25.81 -6.83 -2.93
C GLY D 23 -26.95 -7.27 -3.85
N LEU D 24 -27.98 -6.42 -3.95
CA LEU D 24 -29.11 -6.74 -4.81
C LEU D 24 -28.68 -6.87 -6.26
N ALA D 25 -27.86 -5.92 -6.72
CA ALA D 25 -27.38 -5.92 -8.10
C ALA D 25 -26.55 -7.17 -8.39
N THR D 26 -25.79 -7.58 -7.38
CA THR D 26 -25.02 -8.82 -7.51
C THR D 26 -25.96 -10.00 -7.71
N ALA D 27 -26.99 -10.07 -6.88
CA ALA D 27 -27.98 -11.15 -6.98
C ALA D 27 -28.63 -11.15 -8.36
N GLU D 28 -29.06 -9.97 -8.78
CA GLU D 28 -29.66 -9.82 -10.10
C GLU D 28 -28.77 -10.39 -11.19
N ARG D 29 -27.48 -10.04 -11.12
CA ARG D 29 -26.60 -10.45 -12.20
C ARG D 29 -26.34 -11.95 -12.16
N LEU D 30 -26.05 -12.48 -10.97
CA LEU D 30 -25.74 -13.91 -10.91
C LEU D 30 -26.96 -14.75 -11.27
N VAL D 31 -28.12 -14.38 -10.71
CA VAL D 31 -29.31 -15.15 -11.05
C VAL D 31 -29.53 -15.09 -12.57
N GLY D 32 -29.37 -13.89 -13.12
CA GLY D 32 -29.49 -13.69 -14.55
C GLY D 32 -28.53 -14.60 -15.30
N GLN D 33 -27.40 -14.93 -14.69
CA GLN D 33 -26.40 -15.75 -15.35
C GLN D 33 -26.57 -17.25 -15.06
N GLY D 34 -27.66 -17.63 -14.40
CA GLY D 34 -27.90 -19.03 -14.10
C GLY D 34 -27.54 -19.45 -12.71
N ALA D 35 -27.06 -18.56 -11.82
CA ALA D 35 -26.70 -19.05 -10.48
C ALA D 35 -27.92 -19.09 -9.56
N SER D 36 -27.77 -19.68 -8.38
CA SER D 36 -28.82 -19.55 -7.37
C SER D 36 -28.36 -18.59 -6.28
N ALA D 37 -29.30 -17.78 -5.76
CA ALA D 37 -28.90 -16.88 -4.69
C ALA D 37 -29.84 -16.94 -3.50
N VAL D 38 -29.25 -16.77 -2.33
CA VAL D 38 -29.92 -16.53 -1.08
C VAL D 38 -29.62 -15.10 -0.62
N LEU D 39 -30.66 -14.28 -0.56
CA LEU D 39 -30.56 -12.91 -0.09
C LEU D 39 -30.64 -12.86 1.43
N LEU D 40 -29.49 -12.58 2.06
CA LEU D 40 -29.43 -12.47 3.51
C LEU D 40 -29.47 -10.99 3.89
N ASP D 41 -30.54 -10.59 4.56
CA ASP D 41 -30.75 -9.19 4.90
C ASP D 41 -31.75 -9.07 6.03
N LEU D 42 -31.89 -7.85 6.57
CA LEU D 42 -32.70 -7.64 7.78
C LEU D 42 -34.17 -7.90 7.49
N PRO D 43 -34.94 -8.21 8.53
CA PRO D 43 -36.35 -8.57 8.35
C PRO D 43 -37.18 -7.40 7.80
N ASN D 44 -36.87 -6.20 8.24
CA ASN D 44 -37.64 -5.05 7.77
C ASN D 44 -37.13 -4.55 6.43
N SER D 45 -36.13 -5.23 5.86
CA SER D 45 -35.76 -4.88 4.49
C SER D 45 -36.79 -5.50 3.54
N GLY D 46 -36.80 -5.11 2.28
CA GLY D 46 -37.74 -5.72 1.33
C GLY D 46 -37.11 -6.89 0.60
N GLY D 47 -36.26 -7.66 1.27
CA GLY D 47 -35.58 -8.77 0.63
C GLY D 47 -36.51 -9.82 0.08
N GLU D 48 -37.53 -10.19 0.86
CA GLU D 48 -38.53 -11.16 0.41
C GLU D 48 -39.09 -10.73 -0.94
N ALA D 49 -39.51 -9.46 -1.01
CA ALA D 49 -40.05 -8.96 -2.27
C ALA D 49 -39.02 -9.03 -3.39
N GLN D 50 -37.73 -8.85 -3.05
CA GLN D 50 -36.74 -8.90 -4.13
C GLN D 50 -36.51 -10.35 -4.54
N ALA D 51 -36.44 -11.25 -3.56
CA ALA D 51 -36.30 -12.67 -3.89
C ALA D 51 -37.49 -13.14 -4.73
N LYS D 52 -38.70 -12.75 -4.32
CA LYS D 52 -39.88 -13.20 -5.07
C LYS D 52 -39.80 -12.75 -6.52
N LYS D 53 -39.38 -11.49 -6.73
CA LYS D 53 -39.22 -10.97 -8.07
C LYS D 53 -38.16 -11.72 -8.87
N LEU D 54 -37.15 -12.27 -8.20
CA LEU D 54 -36.04 -12.84 -8.99
C LEU D 54 -36.28 -14.27 -9.40
N GLY D 55 -37.38 -14.88 -8.96
CA GLY D 55 -37.75 -16.19 -9.45
C GLY D 55 -37.38 -17.36 -8.57
N ASN D 56 -37.63 -18.58 -9.06
CA ASN D 56 -37.40 -19.79 -8.32
C ASN D 56 -35.98 -19.93 -7.78
N ASN D 57 -35.03 -19.29 -8.44
CA ASN D 57 -33.63 -19.53 -8.13
C ASN D 57 -33.06 -18.48 -7.19
N CYS D 58 -33.94 -17.79 -6.48
CA CYS D 58 -33.53 -16.80 -5.49
C CYS D 58 -34.44 -16.85 -4.27
N VAL D 59 -33.89 -17.03 -3.07
CA VAL D 59 -34.74 -16.97 -1.89
C VAL D 59 -34.16 -16.01 -0.84
N PHE D 60 -35.01 -15.57 0.07
CA PHE D 60 -34.64 -14.60 1.10
C PHE D 60 -34.44 -15.29 2.44
N ALA D 61 -33.35 -14.95 3.12
CA ALA D 61 -33.08 -15.43 4.46
C ALA D 61 -33.00 -14.25 5.42
N PRO D 62 -34.01 -14.05 6.25
CA PRO D 62 -34.01 -12.92 7.19
C PRO D 62 -32.94 -13.06 8.25
N ALA D 63 -32.05 -12.08 8.39
CA ALA D 63 -31.00 -12.24 9.40
C ALA D 63 -30.17 -10.98 9.57
N ASP D 64 -29.69 -10.80 10.79
CA ASP D 64 -28.73 -9.79 11.20
C ASP D 64 -27.33 -10.40 11.21
N VAL D 65 -26.41 -9.92 10.39
CA VAL D 65 -25.09 -10.54 10.29
C VAL D 65 -24.30 -10.41 11.60
N THR D 66 -24.70 -9.56 12.53
CA THR D 66 -23.99 -9.54 13.80
C THR D 66 -24.41 -10.69 14.71
N SER D 67 -25.29 -11.55 14.21
CA SER D 67 -25.84 -12.60 15.08
C SER D 67 -25.46 -14.00 14.63
N GLU D 68 -24.84 -14.77 15.53
CA GLU D 68 -24.46 -16.15 15.21
C GLU D 68 -25.67 -16.98 14.81
N LYS D 69 -26.70 -16.93 15.66
CA LYS D 69 -27.90 -17.71 15.42
C LYS D 69 -28.57 -17.35 14.10
N ASP D 70 -28.75 -16.07 13.83
CA ASP D 70 -29.36 -15.65 12.57
C ASP D 70 -28.57 -16.14 11.37
N VAL D 71 -27.24 -16.05 11.46
CA VAL D 71 -26.46 -16.48 10.30
C VAL D 71 -26.54 -18.00 10.17
N GLN D 72 -26.49 -18.67 11.32
CA GLN D 72 -26.62 -20.14 11.27
C GLN D 72 -27.95 -20.49 10.61
N THR D 73 -29.01 -19.82 11.04
CA THR D 73 -30.32 -20.07 10.44
C THR D 73 -30.30 -19.81 8.94
N ALA D 74 -29.80 -18.64 8.53
CA ALA D 74 -29.84 -18.37 7.09
C ALA D 74 -28.97 -19.36 6.33
N LEU D 75 -27.86 -19.83 6.90
CA LEU D 75 -27.08 -20.79 6.11
C LEU D 75 -27.81 -22.13 5.99
N ALA D 76 -28.42 -22.58 7.08
CA ALA D 76 -29.17 -23.84 7.03
C ALA D 76 -30.32 -23.74 6.03
N LEU D 77 -30.96 -22.57 6.01
CA LEU D 77 -32.01 -22.32 5.02
C LEU D 77 -31.44 -22.52 3.62
N ALA D 78 -30.22 -22.01 3.43
CA ALA D 78 -29.58 -22.13 2.12
C ALA D 78 -29.29 -23.58 1.77
N LYS D 79 -28.76 -24.32 2.74
CA LYS D 79 -28.40 -25.71 2.47
C LYS D 79 -29.66 -26.49 2.05
N GLY D 80 -30.72 -26.30 2.82
CA GLY D 80 -31.98 -26.95 2.58
C GLY D 80 -32.64 -26.57 1.28
N LYS D 81 -32.42 -25.33 0.81
CA LYS D 81 -33.09 -24.97 -0.44
C LYS D 81 -32.25 -25.33 -1.65
N PHE D 82 -30.92 -25.24 -1.54
CA PHE D 82 -30.12 -25.45 -2.73
C PHE D 82 -29.06 -26.53 -2.54
N GLY D 83 -28.97 -27.11 -1.36
CA GLY D 83 -28.07 -28.21 -1.07
C GLY D 83 -26.64 -27.87 -0.74
N ARG D 84 -26.16 -26.69 -1.13
CA ARG D 84 -24.76 -26.33 -0.91
C ARG D 84 -24.59 -24.80 -1.02
N VAL D 85 -23.40 -24.34 -0.65
CA VAL D 85 -22.97 -22.97 -0.83
C VAL D 85 -21.61 -22.93 -1.51
N ASP D 86 -21.55 -22.33 -2.69
CA ASP D 86 -20.35 -22.22 -3.50
C ASP D 86 -19.70 -20.85 -3.39
N VAL D 87 -20.50 -19.82 -3.14
CA VAL D 87 -19.99 -18.45 -3.10
C VAL D 87 -20.60 -17.63 -1.97
N ALA D 88 -19.79 -16.84 -1.28
CA ALA D 88 -20.33 -15.89 -0.31
C ALA D 88 -19.91 -14.46 -0.70
N VAL D 89 -20.86 -13.54 -0.64
CA VAL D 89 -20.63 -12.14 -0.95
C VAL D 89 -21.16 -11.31 0.22
N ASN D 90 -20.25 -10.64 0.92
CA ASN D 90 -20.61 -9.77 2.03
C ASN D 90 -20.83 -8.34 1.55
N CYS D 91 -22.08 -7.88 1.56
CA CYS D 91 -22.40 -6.51 1.17
C CYS D 91 -23.10 -5.76 2.31
N ALA D 92 -23.54 -6.50 3.32
CA ALA D 92 -24.17 -5.87 4.48
C ALA D 92 -23.26 -4.80 5.07
N GLY D 93 -23.80 -3.59 5.26
CA GLY D 93 -22.97 -2.52 5.81
C GLY D 93 -23.74 -1.26 6.10
N ILE D 94 -23.20 -0.45 7.01
CA ILE D 94 -23.78 0.84 7.36
C ILE D 94 -22.70 1.92 7.33
N ALA D 95 -23.17 3.16 7.32
CA ALA D 95 -22.34 4.34 7.26
C ALA D 95 -22.68 5.32 8.38
N VAL D 96 -21.67 6.04 8.86
CA VAL D 96 -21.93 7.16 9.74
C VAL D 96 -20.93 8.27 9.39
N ALA D 97 -21.37 9.50 9.64
CA ALA D 97 -20.46 10.63 9.45
C ALA D 97 -20.35 11.32 10.80
N SER D 98 -19.16 11.33 11.38
CA SER D 98 -18.98 11.94 12.70
C SER D 98 -17.49 12.15 12.97
N LYS D 99 -17.12 13.41 13.20
CA LYS D 99 -15.74 13.74 13.52
C LYS D 99 -15.26 13.16 14.85
N THR D 100 -14.00 12.74 14.89
CA THR D 100 -13.44 12.20 16.12
C THR D 100 -13.61 13.16 17.28
N TYR D 101 -13.25 14.42 17.03
CA TYR D 101 -13.47 15.50 17.99
C TYR D 101 -13.67 16.80 17.20
N ASN D 102 -14.67 17.57 17.60
CA ASN D 102 -15.00 18.80 16.88
C ASN D 102 -14.85 19.99 17.84
N LEU D 103 -13.74 20.72 17.74
CA LEU D 103 -13.51 21.82 18.67
C LEU D 103 -14.57 22.91 18.46
N LYS D 104 -14.90 23.17 17.20
CA LYS D 104 -15.85 24.22 16.85
C LYS D 104 -17.17 24.05 17.58
N LYS D 105 -17.67 22.83 17.63
CA LYS D 105 -18.89 22.47 18.31
C LYS D 105 -18.62 21.95 19.71
N GLY D 106 -17.34 21.79 20.06
CA GLY D 106 -17.03 21.17 21.34
C GLY D 106 -17.63 19.78 21.43
N GLN D 107 -17.60 19.04 20.31
CA GLN D 107 -18.27 17.74 20.26
C GLN D 107 -17.31 16.58 20.01
N THR D 108 -17.61 15.47 20.66
CA THR D 108 -16.82 14.26 20.66
C THR D 108 -17.58 13.08 20.05
N HIS D 109 -16.92 12.36 19.15
CA HIS D 109 -17.47 11.14 18.56
C HIS D 109 -17.93 10.21 19.67
N THR D 110 -19.14 9.67 19.58
CA THR D 110 -19.56 8.78 20.68
C THR D 110 -18.93 7.39 20.52
N LEU D 111 -18.69 6.74 21.66
CA LEU D 111 -18.13 5.39 21.61
C LEU D 111 -19.09 4.45 20.89
N GLU D 112 -20.39 4.58 21.16
CA GLU D 112 -21.32 3.63 20.56
C GLU D 112 -21.46 3.82 19.06
N ASP D 113 -21.28 5.03 18.54
CA ASP D 113 -21.27 5.22 17.09
C ASP D 113 -20.12 4.44 16.46
N PHE D 114 -19.00 4.40 17.17
CA PHE D 114 -17.83 3.65 16.68
C PHE D 114 -18.09 2.15 16.76
N GLN D 115 -18.62 1.70 17.89
CA GLN D 115 -18.87 0.28 18.14
C GLN D 115 -19.88 -0.30 17.16
N ARG D 116 -20.94 0.45 16.87
CA ARG D 116 -21.98 -0.03 15.98
C ARG D 116 -21.47 -0.28 14.57
N VAL D 117 -20.64 0.62 14.07
CA VAL D 117 -20.12 0.50 12.71
C VAL D 117 -19.14 -0.67 12.60
N LEU D 118 -18.35 -0.89 13.63
CA LEU D 118 -17.41 -1.99 13.70
C LEU D 118 -18.16 -3.33 13.69
N ASP D 119 -19.18 -3.34 14.55
CA ASP D 119 -19.96 -4.56 14.76
C ASP D 119 -20.65 -4.99 13.48
N VAL D 120 -21.34 -4.05 12.82
CA VAL D 120 -22.04 -4.45 11.60
C VAL D 120 -21.07 -4.70 10.45
N ASN D 121 -20.19 -3.74 10.17
CA ASN D 121 -19.36 -3.79 8.99
C ASN D 121 -18.24 -4.83 9.08
N LEU D 122 -17.61 -4.91 10.23
CA LEU D 122 -16.39 -5.72 10.38
C LEU D 122 -16.68 -7.05 11.07
N MET D 123 -17.22 -7.04 12.28
CA MET D 123 -17.53 -8.29 12.99
C MET D 123 -18.56 -9.09 12.20
N GLY D 124 -19.62 -8.41 11.75
CA GLY D 124 -20.64 -9.07 10.96
C GLY D 124 -20.07 -9.76 9.74
N THR D 125 -19.14 -9.10 9.04
CA THR D 125 -18.52 -9.73 7.88
C THR D 125 -17.72 -10.96 8.30
N PHE D 126 -16.92 -10.84 9.37
CA PHE D 126 -16.19 -12.00 9.87
C PHE D 126 -17.16 -13.09 10.33
N ASN D 127 -18.28 -12.73 10.95
CA ASN D 127 -19.26 -13.71 11.38
C ASN D 127 -19.73 -14.58 10.23
N VAL D 128 -20.16 -13.95 9.14
CA VAL D 128 -20.58 -14.70 7.96
C VAL D 128 -19.44 -15.55 7.39
N ILE D 129 -18.25 -14.97 7.23
CA ILE D 129 -17.13 -15.71 6.67
C ILE D 129 -16.81 -16.97 7.46
N ARG D 130 -16.74 -16.87 8.80
CA ARG D 130 -16.34 -18.03 9.59
C ARG D 130 -17.38 -19.14 9.49
N LEU D 131 -18.66 -18.76 9.43
CA LEU D 131 -19.71 -19.79 9.36
C LEU D 131 -19.81 -20.36 7.96
N VAL D 132 -19.79 -19.51 6.94
CA VAL D 132 -19.92 -20.02 5.58
C VAL D 132 -18.70 -20.83 5.18
N ALA D 133 -17.53 -20.55 5.76
CA ALA D 133 -16.35 -21.37 5.48
C ALA D 133 -16.60 -22.83 5.89
N GLY D 134 -17.39 -22.97 6.96
CA GLY D 134 -17.82 -24.28 7.42
C GLY D 134 -18.74 -24.97 6.42
N GLU D 135 -19.57 -24.21 5.73
CA GLU D 135 -20.49 -24.87 4.79
C GLU D 135 -19.75 -25.25 3.50
N MET D 136 -18.84 -24.41 3.05
CA MET D 136 -18.07 -24.70 1.85
C MET D 136 -17.09 -25.85 2.08
N GLY D 137 -16.66 -26.01 3.33
CA GLY D 137 -15.71 -27.09 3.63
C GLY D 137 -16.32 -28.44 3.31
N GLN D 138 -17.65 -28.50 3.38
CA GLN D 138 -18.39 -29.73 3.16
C GLN D 138 -18.46 -30.11 1.69
N ASN D 139 -18.12 -29.17 0.81
CA ASN D 139 -18.18 -29.50 -0.61
C ASN D 139 -16.96 -30.31 -1.01
N GLU D 140 -17.14 -31.29 -1.91
CA GLU D 140 -15.97 -31.97 -2.48
C GLU D 140 -15.25 -30.99 -3.40
N PRO D 141 -13.92 -30.94 -3.38
CA PRO D 141 -13.21 -29.99 -4.23
C PRO D 141 -13.52 -30.20 -5.70
N ASP D 142 -13.58 -29.11 -6.47
CA ASP D 142 -13.77 -29.26 -7.92
C ASP D 142 -12.46 -29.70 -8.57
N GLN D 143 -12.42 -29.67 -9.90
CA GLN D 143 -11.23 -30.10 -10.63
C GLN D 143 -9.98 -29.34 -10.21
N GLY D 144 -10.17 -28.09 -9.80
CA GLY D 144 -9.05 -27.22 -9.43
C GLY D 144 -8.84 -27.19 -7.94
N GLY D 145 -9.45 -28.14 -7.23
CA GLY D 145 -9.34 -28.24 -5.79
C GLY D 145 -10.12 -27.18 -5.03
N GLN D 146 -10.96 -26.43 -5.73
CA GLN D 146 -11.70 -25.35 -5.10
C GLN D 146 -12.98 -25.80 -4.41
N ARG D 147 -13.20 -25.30 -3.19
CA ARG D 147 -14.40 -25.58 -2.44
C ARG D 147 -15.33 -24.38 -2.35
N GLY D 148 -14.83 -23.18 -2.63
CA GLY D 148 -15.72 -22.02 -2.60
C GLY D 148 -14.96 -20.71 -2.77
N VAL D 149 -15.72 -19.63 -2.96
CA VAL D 149 -15.18 -18.28 -3.07
C VAL D 149 -15.90 -17.30 -2.15
N ILE D 150 -15.12 -16.53 -1.40
CA ILE D 150 -15.66 -15.54 -0.48
C ILE D 150 -15.21 -14.14 -0.91
N ILE D 151 -16.17 -13.24 -1.11
CA ILE D 151 -15.90 -11.89 -1.59
C ILE D 151 -16.46 -10.87 -0.61
N ASN D 152 -15.57 -10.02 -0.10
CA ASN D 152 -15.96 -9.02 0.89
C ASN D 152 -16.06 -7.62 0.29
N THR D 153 -16.76 -6.72 0.97
CA THR D 153 -16.88 -5.34 0.51
C THR D 153 -16.22 -4.41 1.53
N ALA D 154 -15.10 -3.80 1.11
CA ALA D 154 -14.44 -2.81 1.95
C ALA D 154 -14.89 -1.43 1.48
N SER D 155 -13.96 -0.54 1.18
CA SER D 155 -14.23 0.80 0.66
C SER D 155 -12.92 1.54 0.41
N VAL D 156 -12.85 2.50 -0.51
CA VAL D 156 -11.59 3.26 -0.60
C VAL D 156 -11.32 4.05 0.67
N ALA D 157 -12.30 4.24 1.54
CA ALA D 157 -12.12 4.78 2.86
C ALA D 157 -11.10 3.99 3.68
N ALA D 158 -10.83 2.73 3.31
CA ALA D 158 -9.79 1.96 3.97
C ALA D 158 -8.42 2.63 3.78
N PHE D 159 -8.30 3.36 2.69
CA PHE D 159 -7.02 3.93 2.29
C PHE D 159 -6.94 5.45 2.40
N GLU D 160 -8.02 6.17 2.15
CA GLU D 160 -8.03 7.61 2.25
C GLU D 160 -9.29 8.10 2.99
N GLY D 161 -9.49 7.63 4.21
CA GLY D 161 -10.68 8.01 4.96
C GLY D 161 -10.81 9.53 5.03
N GLN D 162 -12.01 10.04 4.79
CA GLN D 162 -12.28 11.47 4.76
C GLN D 162 -12.55 12.04 6.14
N VAL D 163 -12.60 13.39 6.22
CA VAL D 163 -13.05 13.98 7.49
C VAL D 163 -14.44 13.43 7.82
N GLY D 164 -14.66 12.97 9.03
CA GLY D 164 -15.91 12.39 9.45
C GLY D 164 -16.00 10.88 9.28
N GLN D 165 -15.03 10.25 8.65
CA GLN D 165 -15.07 8.83 8.32
C GLN D 165 -14.22 7.92 9.20
N ALA D 166 -13.78 8.34 10.37
CA ALA D 166 -12.96 7.47 11.21
C ALA D 166 -13.58 6.11 11.53
N ALA D 167 -14.80 6.03 12.02
CA ALA D 167 -15.34 4.71 12.40
C ALA D 167 -15.46 3.80 11.19
N TYR D 168 -16.08 4.34 10.13
CA TYR D 168 -16.23 3.62 8.87
C TYR D 168 -14.89 3.15 8.33
N SER D 169 -13.91 4.05 8.34
CA SER D 169 -12.58 3.72 7.85
C SER D 169 -11.97 2.57 8.65
N ALA D 170 -12.20 2.60 9.96
CA ALA D 170 -11.68 1.57 10.86
C ALA D 170 -12.29 0.23 10.49
N SER D 171 -13.60 0.23 10.24
CA SER D 171 -14.27 -1.01 9.90
C SER D 171 -13.82 -1.55 8.55
N LYS D 172 -13.60 -0.70 7.55
CA LYS D 172 -13.23 -1.22 6.24
C LYS D 172 -11.74 -1.53 6.18
N GLY D 173 -10.94 -0.83 6.97
CA GLY D 173 -9.51 -1.14 7.07
C GLY D 173 -9.33 -2.52 7.70
N GLY D 174 -10.22 -2.83 8.63
CA GLY D 174 -10.24 -4.15 9.25
C GLY D 174 -10.51 -5.21 8.20
N ILE D 175 -11.48 -4.95 7.33
CA ILE D 175 -11.79 -5.88 6.27
C ILE D 175 -10.54 -6.12 5.41
N VAL D 176 -9.94 -5.01 4.98
CA VAL D 176 -8.75 -5.11 4.16
C VAL D 176 -7.68 -5.92 4.89
N GLY D 177 -7.41 -5.55 6.14
CA GLY D 177 -6.39 -6.24 6.91
C GLY D 177 -6.57 -7.75 6.98
N MET D 178 -7.79 -8.20 7.27
CA MET D 178 -7.95 -9.64 7.52
C MET D 178 -8.11 -10.44 6.24
N THR D 179 -8.13 -9.78 5.08
CA THR D 179 -8.29 -10.49 3.81
C THR D 179 -7.21 -11.55 3.59
N LEU D 180 -5.94 -11.21 3.80
CA LEU D 180 -4.86 -12.14 3.51
C LEU D 180 -4.81 -13.27 4.53
N PRO D 181 -4.77 -13.01 5.83
CA PRO D 181 -4.74 -14.10 6.80
C PRO D 181 -5.89 -15.08 6.59
N ILE D 182 -7.09 -14.58 6.27
CA ILE D 182 -8.20 -15.52 6.09
C ILE D 182 -7.96 -16.34 4.84
N ALA D 183 -7.55 -15.72 3.74
CA ALA D 183 -7.13 -16.46 2.57
C ALA D 183 -6.08 -17.52 2.92
N ARG D 184 -5.09 -17.15 3.72
CA ARG D 184 -4.04 -18.12 4.06
C ARG D 184 -4.63 -19.24 4.93
N ASP D 185 -5.54 -18.86 5.83
CA ASP D 185 -6.23 -19.81 6.69
C ASP D 185 -6.93 -20.91 5.89
N LEU D 186 -7.67 -20.49 4.87
CA LEU D 186 -8.53 -21.37 4.09
C LEU D 186 -7.84 -21.89 2.84
N ALA D 187 -6.62 -21.42 2.55
CA ALA D 187 -5.90 -21.94 1.39
C ALA D 187 -5.81 -23.47 1.35
N PRO D 188 -5.45 -24.16 2.42
CA PRO D 188 -5.37 -25.62 2.33
C PRO D 188 -6.71 -26.31 2.10
N ILE D 189 -7.83 -25.59 2.18
CA ILE D 189 -9.08 -26.32 1.87
C ILE D 189 -9.73 -25.78 0.60
N GLY D 190 -9.02 -24.91 -0.12
CA GLY D 190 -9.49 -24.49 -1.42
C GLY D 190 -10.55 -23.42 -1.40
N ILE D 191 -10.56 -22.57 -0.38
CA ILE D 191 -11.54 -21.47 -0.41
C ILE D 191 -10.82 -20.15 -0.68
N ARG D 192 -11.15 -19.50 -1.79
CA ARG D 192 -10.53 -18.20 -2.07
C ARG D 192 -11.23 -17.11 -1.29
N VAL D 193 -10.47 -16.11 -0.89
CA VAL D 193 -10.99 -14.92 -0.21
C VAL D 193 -10.53 -13.67 -0.97
N MET D 194 -11.48 -12.88 -1.42
CA MET D 194 -11.21 -11.65 -2.16
C MET D 194 -12.03 -10.48 -1.62
N THR D 195 -11.56 -9.26 -1.93
CA THR D 195 -12.22 -8.07 -1.40
C THR D 195 -12.28 -6.97 -2.46
N ILE D 196 -13.42 -6.31 -2.55
CA ILE D 196 -13.60 -5.21 -3.48
C ILE D 196 -13.69 -3.91 -2.66
N ALA D 197 -12.98 -2.87 -3.07
CA ALA D 197 -13.09 -1.58 -2.38
C ALA D 197 -13.79 -0.57 -3.28
N PRO D 198 -15.10 -0.43 -3.16
CA PRO D 198 -15.81 0.47 -4.07
C PRO D 198 -15.53 1.93 -3.70
N GLY D 199 -15.52 2.80 -4.72
CA GLY D 199 -15.41 4.23 -4.43
C GLY D 199 -16.78 4.78 -4.06
N LEU D 200 -17.44 5.36 -5.05
CA LEU D 200 -18.75 5.98 -4.87
C LEU D 200 -19.76 5.37 -5.83
N PHE D 201 -20.86 4.84 -5.31
CA PHE D 201 -21.83 4.15 -6.14
C PHE D 201 -23.24 4.62 -5.85
N GLY D 202 -24.05 4.69 -6.91
CA GLY D 202 -25.43 5.10 -6.80
C GLY D 202 -26.31 4.07 -6.12
N THR D 203 -26.35 4.09 -4.79
CA THR D 203 -27.17 3.17 -4.02
C THR D 203 -27.94 3.96 -2.95
N PRO D 204 -28.90 3.36 -2.27
CA PRO D 204 -29.56 4.00 -1.13
C PRO D 204 -28.65 4.34 0.03
N LEU D 205 -27.42 3.83 0.07
CA LEU D 205 -26.49 4.19 1.15
C LEU D 205 -26.35 5.72 1.24
N LEU D 206 -26.29 6.35 0.08
CA LEU D 206 -26.04 7.77 -0.13
C LEU D 206 -27.30 8.62 -0.09
N THR D 207 -28.46 7.98 0.02
CA THR D 207 -29.71 8.73 0.00
C THR D 207 -29.76 9.80 1.07
N SER D 208 -29.36 9.49 2.30
CA SER D 208 -29.43 10.46 3.37
C SER D 208 -28.47 11.64 3.20
N LEU D 209 -27.70 11.71 2.12
CA LEU D 209 -26.85 12.89 1.96
C LEU D 209 -27.64 13.98 1.22
N PRO D 210 -27.28 15.24 1.45
CA PRO D 210 -27.90 16.31 0.66
C PRO D 210 -27.56 16.08 -0.80
N GLU D 211 -28.55 16.25 -1.68
CA GLU D 211 -28.36 16.12 -3.11
C GLU D 211 -27.11 16.85 -3.60
N LYS D 212 -26.80 17.99 -2.99
CA LYS D 212 -25.63 18.75 -3.39
C LYS D 212 -24.34 17.98 -3.11
N VAL D 213 -24.14 17.50 -1.90
CA VAL D 213 -22.97 16.68 -1.56
C VAL D 213 -22.81 15.55 -2.57
N ARG D 214 -23.91 14.82 -2.79
CA ARG D 214 -23.93 13.75 -3.77
C ARG D 214 -23.43 14.19 -5.13
N ASN D 215 -24.00 15.24 -5.74
CA ASN D 215 -23.52 15.68 -7.04
C ASN D 215 -22.08 16.16 -6.96
N PHE D 216 -21.71 16.82 -5.87
CA PHE D 216 -20.31 17.23 -5.78
C PHE D 216 -19.40 16.01 -5.70
N LEU D 217 -19.84 14.99 -4.96
CA LEU D 217 -18.99 13.79 -4.86
C LEU D 217 -18.82 13.14 -6.22
N ALA D 218 -19.96 12.95 -6.88
CA ALA D 218 -19.96 12.37 -8.22
C ALA D 218 -19.03 13.14 -9.15
N SER D 219 -19.02 14.46 -9.03
CA SER D 219 -18.24 15.31 -9.94
C SER D 219 -16.74 15.14 -9.74
N GLN D 220 -16.28 14.57 -8.62
CA GLN D 220 -14.84 14.41 -8.45
C GLN D 220 -14.28 13.09 -8.96
N VAL D 221 -15.13 12.24 -9.54
CA VAL D 221 -14.61 10.99 -10.12
C VAL D 221 -13.88 11.31 -11.42
N PRO D 222 -12.60 10.99 -11.55
CA PRO D 222 -11.86 11.36 -12.77
C PRO D 222 -12.45 10.77 -14.05
N PHE D 223 -12.62 9.45 -14.13
CA PHE D 223 -13.23 8.90 -15.33
C PHE D 223 -13.70 7.46 -15.09
N PRO D 224 -14.94 7.12 -15.42
CA PRO D 224 -15.94 8.07 -15.91
C PRO D 224 -16.46 8.96 -14.79
N SER D 225 -16.79 10.20 -15.14
CA SER D 225 -17.12 11.21 -14.15
C SER D 225 -18.59 11.08 -13.74
N ARG D 226 -18.85 10.08 -12.92
CA ARG D 226 -20.20 9.80 -12.44
C ARG D 226 -20.12 8.83 -11.27
N LEU D 227 -21.21 8.67 -10.53
CA LEU D 227 -21.21 7.61 -9.53
C LEU D 227 -21.08 6.26 -10.21
N GLY D 228 -20.54 5.26 -9.53
CA GLY D 228 -20.46 3.92 -10.11
C GLY D 228 -21.85 3.31 -10.19
N ASP D 229 -22.08 2.46 -11.18
CA ASP D 229 -23.34 1.75 -11.36
C ASP D 229 -23.29 0.43 -10.61
N PRO D 230 -24.24 0.14 -9.75
CA PRO D 230 -24.23 -1.13 -8.99
C PRO D 230 -23.99 -2.35 -9.86
N ALA D 231 -24.45 -2.37 -11.10
CA ALA D 231 -24.15 -3.46 -12.01
C ALA D 231 -22.64 -3.63 -12.22
N GLU D 232 -21.92 -2.50 -12.13
CA GLU D 232 -20.47 -2.56 -12.31
C GLU D 232 -19.81 -3.27 -11.13
N TYR D 233 -20.35 -3.08 -9.92
CA TYR D 233 -19.89 -3.91 -8.81
C TYR D 233 -20.15 -5.38 -9.11
N ALA D 234 -21.36 -5.69 -9.54
CA ALA D 234 -21.79 -7.06 -9.82
C ALA D 234 -20.89 -7.72 -10.86
N HIS D 235 -20.57 -7.01 -11.94
CA HIS D 235 -19.62 -7.50 -12.93
C HIS D 235 -18.32 -7.92 -12.27
N LEU D 236 -17.78 -7.10 -11.35
CA LEU D 236 -16.49 -7.45 -10.76
C LEU D 236 -16.61 -8.70 -9.91
N VAL D 237 -17.70 -8.83 -9.18
CA VAL D 237 -17.95 -10.03 -8.38
C VAL D 237 -17.90 -11.26 -9.27
N GLN D 238 -18.58 -11.18 -10.41
CA GLN D 238 -18.59 -12.29 -11.35
C GLN D 238 -17.19 -12.62 -11.86
N ALA D 239 -16.43 -11.58 -12.22
CA ALA D 239 -15.08 -11.80 -12.73
C ALA D 239 -14.20 -12.49 -11.71
N ILE D 240 -14.40 -12.16 -10.43
CA ILE D 240 -13.62 -12.79 -9.36
C ILE D 240 -14.05 -14.24 -9.17
N ILE D 241 -15.36 -14.47 -9.28
CA ILE D 241 -15.83 -15.85 -9.10
C ILE D 241 -15.24 -16.74 -10.17
N GLU D 242 -15.20 -16.21 -11.39
CA GLU D 242 -14.77 -16.93 -12.56
C GLU D 242 -13.27 -17.15 -12.64
N ASN D 243 -12.45 -16.21 -12.17
CA ASN D 243 -11.01 -16.37 -12.35
C ASN D 243 -10.38 -17.11 -11.18
N PRO D 244 -9.87 -18.31 -11.45
CA PRO D 244 -9.37 -19.18 -10.39
C PRO D 244 -8.14 -18.66 -9.66
N PHE D 245 -7.40 -17.70 -10.22
CA PHE D 245 -6.12 -17.32 -9.62
C PHE D 245 -6.20 -16.02 -8.83
N LEU D 246 -7.36 -15.41 -8.66
CA LEU D 246 -7.53 -14.22 -7.84
C LEU D 246 -7.75 -14.61 -6.38
N ASN D 247 -6.81 -14.30 -5.51
CA ASN D 247 -6.93 -14.66 -4.10
C ASN D 247 -6.08 -13.76 -3.21
N GLY D 248 -6.59 -13.45 -2.02
CA GLY D 248 -5.90 -12.69 -1.00
C GLY D 248 -5.66 -11.24 -1.34
N GLU D 249 -6.46 -10.69 -2.25
CA GLU D 249 -6.20 -9.35 -2.76
C GLU D 249 -7.42 -8.46 -2.59
N VAL D 250 -7.17 -7.14 -2.59
CA VAL D 250 -8.17 -6.10 -2.56
C VAL D 250 -8.20 -5.35 -3.89
N ILE D 251 -9.38 -5.15 -4.47
CA ILE D 251 -9.46 -4.47 -5.76
C ILE D 251 -10.27 -3.18 -5.68
N ARG D 252 -9.64 -2.07 -6.05
CA ARG D 252 -10.32 -0.79 -6.05
C ARG D 252 -11.18 -0.65 -7.31
N LEU D 253 -12.44 -0.30 -7.12
CA LEU D 253 -13.37 -0.06 -8.22
C LEU D 253 -13.95 1.33 -8.05
N ASP D 254 -13.34 2.35 -8.66
CA ASP D 254 -13.61 3.71 -8.20
C ASP D 254 -13.37 4.80 -9.22
N GLY D 255 -13.25 4.48 -10.50
CA GLY D 255 -13.10 5.51 -11.53
C GLY D 255 -11.82 6.32 -11.36
N ALA D 256 -10.89 5.74 -10.61
CA ALA D 256 -9.57 6.29 -10.32
C ALA D 256 -9.62 7.48 -9.36
N ILE D 257 -10.72 7.64 -8.62
CA ILE D 257 -10.77 8.72 -7.64
C ILE D 257 -9.81 8.45 -6.48
N ARG D 258 -9.36 9.51 -5.83
CA ARG D 258 -8.66 9.48 -4.56
C ARG D 258 -9.34 10.47 -3.62
N MET D 259 -9.79 10.05 -2.44
CA MET D 259 -10.60 10.99 -1.66
C MET D 259 -9.77 12.01 -0.90
N GLN D 260 -10.19 13.25 -0.98
CA GLN D 260 -9.61 14.36 -0.24
C GLN D 260 -10.25 14.50 1.14
N PRO D 261 -9.74 15.31 2.05
CA PRO D 261 -10.35 15.42 3.39
C PRO D 261 -11.84 15.74 3.31
#